data_1Z63
#
_entry.id   1Z63
#
_cell.length_a   86.931
_cell.length_b   83.737
_cell.length_c   106.390
_cell.angle_alpha   90.00
_cell.angle_beta   109.78
_cell.angle_gamma   90.00
#
_symmetry.space_group_name_H-M   'P 1 21 1'
#
loop_
_entity.id
_entity.type
_entity.pdbx_description
1 polymer "5'-D(*AP*AP*AP*AP*AP*A*AP*TP*TP*GP*CP*CP*GP*AP*AP*GP*AP*CP*GP*AP*AP*AP*AP*AP*A)-3'"
2 polymer "5'-D(*TP*TP*TP*TP*TP*TP*TP*CP*GP*TP*CP*TP*TP*CP*GP*GP*CP*AP*AP*TP*TP*TP*TP*TP*T)-3'"
3 polymer 'Helicase of the snf2/rad54 family'
#
loop_
_entity_poly.entity_id
_entity_poly.type
_entity_poly.pdbx_seq_one_letter_code
_entity_poly.pdbx_strand_id
1 'polydeoxyribonucleotide'
;(DA)(DA)(DA)(DA)(DA)(DA)(DA)(DT)(DT)(DG)(DC)(DC)(DG)(DA)(DA)(DG)(DA)(DC)(DG)(DA)
(DA)(DA)(DA)(DA)(DA)
;
C,E
2 'polydeoxyribonucleotide'
;(DT)(DT)(DT)(DT)(DT)(DT)(DT)(DC)(DG)(DT)(DC)(DT)(DT)(DC)(DG)(DG)(DC)(DA)(DA)(DT)
(DT)(DT)(DT)(DT)(DT)
;
D,F
3 'polypeptide(L)'
;MGSSHHHHHHSSGLVPRGSHMASKSFQLLEPYNIKANLRPYQIKGFSW(MSE)RF(MSE)NKLGFGICLADD(MSE)GLG
KTLQTIAVFSDAKKENELTPSLVICPLSVLKNWEEELSKFAPHLRFAVFHEDRSKIKLEDYDIILTTYAVLLRDTRLKEV
EWKYIVIDEAQNIKNPQTKIFKAVKELKSKYRIALTGTPIENKVDDLWSI(MSE)TFLNPGLLGSYSEFKSKFATPIKKG
DN(MSE)AKEELKAIISPFILRRTKYDKAIINDLPDKIETNVYCNLTPEQAA(MSE)YKAEVENLFNNIDSVTGIKRKG
(MSE)ILSTLLKLKQIVDHPALLKGGEQSVRRSGK(MSE)IRT(MSE)EIIEEALDEGDKIAIFTQFVD(MSE)GKIIRN
IIEKELNTEVPFLYGELSKKERDDIISKFQNNPSVKFIVLSVKAGGFGINLTSANRVIHFDRWWNPAVEDQATDRVYRIG
QTRNVIVHKLISVGTLEEKIDQLLAFKRSLFKDIISSGDSWITELSTEELRKVIELSVGGY
;
A,B
#
loop_
_chem_comp.id
_chem_comp.type
_chem_comp.name
_chem_comp.formula
DA DNA linking 2'-DEOXYADENOSINE-5'-MONOPHOSPHATE 'C10 H14 N5 O6 P'
DC DNA linking 2'-DEOXYCYTIDINE-5'-MONOPHOSPHATE 'C9 H14 N3 O7 P'
DG DNA linking 2'-DEOXYGUANOSINE-5'-MONOPHOSPHATE 'C10 H14 N5 O7 P'
DT DNA linking THYMIDINE-5'-MONOPHOSPHATE 'C10 H15 N2 O8 P'
#
# COMPACT_ATOMS: atom_id res chain seq x y z
N PHE E 26 -5.57 -32.96 -7.93
CA PHE E 26 -5.54 -31.86 -6.92
C PHE E 26 -4.12 -31.29 -6.84
N GLN E 27 -3.99 -30.10 -6.29
CA GLN E 27 -2.67 -29.47 -6.13
C GLN E 27 -2.85 -28.12 -5.43
N LEU E 28 -1.94 -27.82 -4.51
CA LEU E 28 -2.02 -26.57 -3.77
C LEU E 28 -1.53 -25.41 -4.62
N LEU E 29 -2.41 -24.49 -4.96
CA LEU E 29 -1.99 -23.37 -5.77
C LEU E 29 -1.12 -22.41 -4.96
N GLU E 30 -0.70 -21.33 -5.61
CA GLU E 30 0.16 -20.33 -4.99
C GLU E 30 -0.61 -19.02 -4.87
N PRO E 31 -0.78 -18.50 -3.65
CA PRO E 31 -1.52 -17.25 -3.59
C PRO E 31 -0.91 -16.36 -4.65
N TYR E 32 -1.75 -15.88 -5.56
CA TYR E 32 -1.32 -15.03 -6.65
C TYR E 32 -0.73 -13.71 -6.17
N ASN E 33 -1.39 -12.61 -6.50
CA ASN E 33 -0.89 -11.33 -6.07
C ASN E 33 -1.55 -10.87 -4.79
N ILE E 34 -1.88 -11.82 -3.93
CA ILE E 34 -2.50 -11.47 -2.68
C ILE E 34 -1.47 -10.79 -1.82
N LYS E 35 -1.88 -9.69 -1.22
CA LYS E 35 -1.05 -8.87 -0.38
C LYS E 35 -1.01 -9.34 1.07
N ALA E 36 -0.85 -10.64 1.31
CA ALA E 36 -0.81 -11.17 2.66
C ALA E 36 -0.29 -12.64 2.72
N ASN E 37 0.01 -13.16 3.91
CA ASN E 37 0.53 -14.52 4.00
C ASN E 37 -0.53 -15.46 4.44
N LEU E 38 -1.05 -16.28 3.53
CA LEU E 38 -2.10 -17.24 3.88
C LEU E 38 -1.62 -18.47 4.69
N ARG E 39 -2.17 -18.65 5.89
CA ARG E 39 -1.81 -19.77 6.72
C ARG E 39 -2.17 -21.04 5.96
N PRO E 40 -1.47 -22.15 6.23
CA PRO E 40 -1.69 -23.46 5.57
C PRO E 40 -3.12 -23.82 5.23
N TYR E 41 -4.02 -23.75 6.21
CA TYR E 41 -5.41 -24.13 5.97
C TYR E 41 -6.12 -23.24 4.96
N GLN E 42 -5.66 -22.01 4.85
CA GLN E 42 -6.27 -21.07 3.90
C GLN E 42 -5.69 -21.31 2.55
N ILE E 43 -4.51 -21.90 2.52
CA ILE E 43 -3.86 -22.23 1.26
C ILE E 43 -4.41 -23.56 0.78
N LYS E 44 -5.09 -24.29 1.66
CA LYS E 44 -5.65 -25.55 1.25
C LYS E 44 -7.11 -25.41 0.94
N GLY E 45 -7.76 -24.44 1.58
CA GLY E 45 -9.17 -24.24 1.33
C GLY E 45 -9.35 -23.44 0.07
N PHE E 46 -8.39 -22.55 -0.17
CA PHE E 46 -8.44 -21.70 -1.34
C PHE E 46 -8.20 -22.54 -2.57
N SER E 47 -7.20 -23.40 -2.51
CA SER E 47 -6.91 -24.25 -3.66
C SER E 47 -7.91 -25.39 -3.80
N TRP E 48 -8.57 -25.79 -2.71
CA TRP E 48 -9.56 -26.84 -2.84
C TRP E 48 -10.78 -26.23 -3.50
N MSE E 49 -11.04 -24.96 -3.21
CA MSE E 49 -12.19 -24.28 -3.80
C MSE E 49 -12.02 -24.14 -5.32
O MSE E 49 -12.90 -24.48 -6.09
CB MSE E 49 -12.37 -22.91 -3.17
CG MSE E 49 -13.10 -22.93 -1.84
SE MSE E 49 -13.70 -21.14 -1.28
CE MSE E 49 -11.94 -20.42 -0.93
N ARG E 50 -10.85 -23.65 -5.72
CA ARG E 50 -10.54 -23.44 -7.12
C ARG E 50 -10.61 -24.77 -7.88
N PHE E 51 -9.86 -25.74 -7.40
CA PHE E 51 -9.84 -27.07 -8.00
C PHE E 51 -11.23 -27.56 -8.43
N MSE E 52 -12.19 -27.45 -7.52
CA MSE E 52 -13.56 -27.88 -7.78
C MSE E 52 -14.27 -26.94 -8.76
O MSE E 52 -15.09 -27.38 -9.56
CB MSE E 52 -14.36 -27.89 -6.48
CG MSE E 52 -13.84 -28.78 -5.39
SE MSE E 52 -14.06 -30.65 -5.78
CE MSE E 52 -15.77 -31.03 -4.93
N ASN E 53 -13.97 -25.65 -8.69
CA ASN E 53 -14.60 -24.71 -9.60
C ASN E 53 -14.14 -25.03 -11.00
N LYS E 54 -12.84 -25.31 -11.13
CA LYS E 54 -12.28 -25.64 -12.43
C LYS E 54 -12.87 -26.94 -12.94
N LEU E 55 -13.15 -27.89 -12.05
CA LEU E 55 -13.79 -29.15 -12.46
C LEU E 55 -15.30 -28.97 -12.54
N GLY E 56 -15.71 -27.71 -12.60
CA GLY E 56 -17.12 -27.36 -12.71
C GLY E 56 -18.08 -27.79 -11.62
N PHE E 57 -17.87 -27.31 -10.41
CA PHE E 57 -18.78 -27.63 -9.29
C PHE E 57 -19.01 -26.42 -8.37
N GLY E 58 -20.16 -26.43 -7.71
CA GLY E 58 -20.49 -25.38 -6.77
C GLY E 58 -20.15 -25.88 -5.39
N ILE E 59 -19.14 -25.29 -4.76
CA ILE E 59 -18.72 -25.68 -3.42
C ILE E 59 -19.22 -24.71 -2.34
N CYS E 60 -18.98 -25.05 -1.07
CA CYS E 60 -19.41 -24.22 0.06
C CYS E 60 -18.36 -24.15 1.13
N LEU E 61 -17.80 -22.96 1.39
CA LEU E 61 -16.80 -22.85 2.44
C LEU E 61 -17.51 -22.50 3.71
N ALA E 62 -17.42 -23.40 4.70
CA ALA E 62 -18.10 -23.24 5.99
C ALA E 62 -17.22 -23.11 7.25
N ASP E 63 -15.95 -22.71 7.11
CA ASP E 63 -15.04 -22.55 8.25
C ASP E 63 -15.68 -21.61 9.27
N ASP E 64 -15.14 -21.58 10.49
CA ASP E 64 -15.63 -20.69 11.55
C ASP E 64 -15.24 -19.28 11.22
N MSE E 65 -16.11 -18.33 11.56
CA MSE E 65 -15.78 -16.93 11.32
C MSE E 65 -14.49 -16.93 12.12
O MSE E 65 -14.39 -17.64 13.12
CB MSE E 65 -16.84 -16.02 11.94
CG MSE E 65 -16.65 -14.50 11.70
SE MSE E 65 -15.82 -13.44 13.20
CE MSE E 65 -14.09 -12.98 12.41
N GLY E 66 -13.49 -16.20 11.67
CA GLY E 66 -12.26 -16.22 12.42
C GLY E 66 -11.21 -16.90 11.58
N LEU E 67 -11.65 -17.77 10.68
CA LEU E 67 -10.69 -18.45 9.82
C LEU E 67 -10.44 -17.69 8.54
N GLY E 68 -11.19 -16.63 8.33
CA GLY E 68 -10.98 -15.80 7.16
C GLY E 68 -11.47 -16.28 5.81
N LYS E 69 -12.74 -16.68 5.73
CA LYS E 69 -13.27 -17.12 4.47
C LYS E 69 -13.03 -16.03 3.44
N THR E 70 -13.36 -14.79 3.77
CA THR E 70 -13.19 -13.67 2.84
C THR E 70 -11.85 -13.68 2.09
N LEU E 71 -10.75 -13.68 2.84
CA LEU E 71 -9.41 -13.67 2.25
C LEU E 71 -9.31 -14.80 1.26
N GLN E 72 -9.49 -16.01 1.76
CA GLN E 72 -9.47 -17.20 0.92
C GLN E 72 -10.32 -16.92 -0.34
N THR E 73 -11.60 -16.60 -0.15
CA THR E 73 -12.45 -16.29 -1.28
C THR E 73 -11.79 -15.26 -2.20
N ILE E 74 -10.90 -14.40 -1.68
CA ILE E 74 -10.21 -13.39 -2.51
C ILE E 74 -9.03 -14.00 -3.28
N ALA E 75 -8.36 -14.97 -2.63
CA ALA E 75 -7.20 -15.65 -3.21
C ALA E 75 -7.71 -16.33 -4.44
N VAL E 76 -8.92 -16.90 -4.31
CA VAL E 76 -9.59 -17.57 -5.43
C VAL E 76 -9.69 -16.50 -6.53
N PHE E 77 -10.47 -15.46 -6.28
CA PHE E 77 -10.62 -14.36 -7.21
C PHE E 77 -9.28 -14.00 -7.89
N SER E 78 -8.24 -13.79 -7.08
CA SER E 78 -6.96 -13.38 -7.67
C SER E 78 -6.52 -14.39 -8.69
N ASP E 79 -6.48 -15.67 -8.32
CA ASP E 79 -6.06 -16.71 -9.26
C ASP E 79 -7.04 -16.85 -10.43
N ALA E 80 -8.33 -16.87 -10.14
CA ALA E 80 -9.33 -16.97 -11.20
C ALA E 80 -9.14 -15.83 -12.19
N LYS E 81 -8.46 -14.77 -11.75
CA LYS E 81 -8.22 -13.62 -12.62
C LYS E 81 -7.08 -13.84 -13.61
N LYS E 82 -5.97 -14.41 -13.13
CA LYS E 82 -4.84 -14.64 -14.02
C LYS E 82 -5.21 -15.66 -15.10
N GLU E 83 -6.02 -16.66 -14.73
CA GLU E 83 -6.46 -17.64 -15.72
C GLU E 83 -7.57 -17.06 -16.59
N ASN E 84 -7.82 -15.76 -16.42
CA ASN E 84 -8.85 -15.03 -17.15
C ASN E 84 -10.28 -15.54 -16.95
N GLU E 85 -10.60 -16.00 -15.74
CA GLU E 85 -11.95 -16.50 -15.45
C GLU E 85 -12.70 -15.64 -14.40
N LEU E 86 -12.16 -14.48 -14.02
CA LEU E 86 -12.84 -13.65 -13.01
C LEU E 86 -13.84 -12.66 -13.59
N THR E 87 -13.30 -11.61 -14.21
CA THR E 87 -14.13 -10.56 -14.77
C THR E 87 -15.22 -11.15 -15.66
N PRO E 88 -16.50 -10.91 -15.32
CA PRO E 88 -16.92 -10.13 -14.18
C PRO E 88 -17.62 -11.07 -13.20
N SER E 89 -17.29 -10.96 -11.92
CA SER E 89 -17.93 -11.78 -10.90
C SER E 89 -18.71 -10.92 -9.92
N LEU E 90 -19.70 -11.54 -9.29
CA LEU E 90 -20.59 -10.90 -8.32
C LEU E 90 -20.48 -11.50 -6.92
N VAL E 91 -20.51 -10.65 -5.89
CA VAL E 91 -20.47 -11.11 -4.50
C VAL E 91 -21.74 -10.54 -3.91
N ILE E 92 -22.55 -11.37 -3.27
CA ILE E 92 -23.79 -10.90 -2.66
C ILE E 92 -23.69 -11.07 -1.15
N CYS E 93 -23.67 -9.98 -0.40
CA CYS E 93 -23.54 -10.13 1.05
C CYS E 93 -24.47 -9.26 1.83
N PRO E 94 -24.51 -9.49 3.12
CA PRO E 94 -25.33 -8.76 4.07
C PRO E 94 -24.84 -7.32 4.11
N LEU E 95 -25.77 -6.40 4.34
CA LEU E 95 -25.38 -5.00 4.39
C LEU E 95 -24.29 -4.81 5.44
N SER E 96 -24.44 -5.52 6.56
CA SER E 96 -23.54 -5.51 7.68
C SER E 96 -22.13 -5.50 7.19
N VAL E 97 -21.76 -6.53 6.42
CA VAL E 97 -20.41 -6.66 5.90
C VAL E 97 -20.02 -6.07 4.55
N LEU E 98 -20.70 -5.03 4.08
CA LEU E 98 -20.30 -4.45 2.78
C LEU E 98 -18.93 -3.80 2.80
N LYS E 99 -18.67 -2.94 3.78
CA LYS E 99 -17.36 -2.30 3.82
C LYS E 99 -16.30 -3.32 4.20
N ASN E 100 -16.71 -4.42 4.81
CA ASN E 100 -15.74 -5.44 5.14
C ASN E 100 -15.09 -5.99 3.85
N TRP E 101 -15.89 -6.37 2.85
CA TRP E 101 -15.31 -6.84 1.59
C TRP E 101 -14.58 -5.66 0.95
N GLU E 102 -15.22 -4.50 0.89
CA GLU E 102 -14.56 -3.34 0.30
C GLU E 102 -13.12 -3.29 0.79
N GLU E 103 -12.96 -3.23 2.11
CA GLU E 103 -11.65 -3.17 2.71
C GLU E 103 -10.75 -4.31 2.40
N GLU E 104 -11.22 -5.52 2.68
CA GLU E 104 -10.38 -6.67 2.42
C GLU E 104 -10.00 -6.80 0.98
N LEU E 105 -10.89 -6.41 0.08
CA LEU E 105 -10.54 -6.49 -1.31
C LEU E 105 -9.35 -5.59 -1.67
N SER E 106 -9.53 -4.29 -1.50
CA SER E 106 -8.49 -3.32 -1.83
C SER E 106 -7.18 -3.47 -1.05
N LYS E 107 -7.19 -4.07 0.14
CA LYS E 107 -5.94 -4.22 0.86
C LYS E 107 -5.15 -5.47 0.43
N PHE E 108 -5.86 -6.59 0.31
CA PHE E 108 -5.26 -7.85 -0.08
C PHE E 108 -5.11 -8.07 -1.57
N ALA E 109 -5.86 -7.32 -2.37
CA ALA E 109 -5.79 -7.46 -3.82
C ALA E 109 -5.91 -6.09 -4.46
N PRO E 110 -4.92 -5.22 -4.23
CA PRO E 110 -4.98 -3.89 -4.82
C PRO E 110 -5.23 -4.02 -6.31
N HIS E 111 -4.67 -5.07 -6.90
CA HIS E 111 -4.79 -5.27 -8.34
C HIS E 111 -6.16 -5.62 -8.90
N LEU E 112 -7.12 -5.98 -8.05
CA LEU E 112 -8.46 -6.32 -8.52
C LEU E 112 -9.41 -5.12 -8.48
N ARG E 113 -10.12 -4.91 -9.59
CA ARG E 113 -11.06 -3.77 -9.74
C ARG E 113 -12.47 -4.11 -9.31
N PHE E 114 -13.01 -3.39 -8.34
CA PHE E 114 -14.36 -3.67 -7.89
C PHE E 114 -15.21 -2.44 -7.75
N ALA E 115 -16.51 -2.68 -7.67
CA ALA E 115 -17.49 -1.60 -7.54
C ALA E 115 -18.56 -1.95 -6.53
N VAL E 116 -18.98 -0.96 -5.74
CA VAL E 116 -20.01 -1.21 -4.77
C VAL E 116 -21.32 -0.82 -5.40
N PHE E 117 -22.25 -1.77 -5.43
CA PHE E 117 -23.56 -1.59 -6.05
C PHE E 117 -24.64 -1.38 -5.03
N HIS E 118 -24.72 -0.17 -4.48
CA HIS E 118 -25.69 0.09 -3.44
C HIS E 118 -26.58 1.31 -3.67
N GLU E 119 -25.94 2.46 -3.89
CA GLU E 119 -26.69 3.68 -4.10
C GLU E 119 -26.24 4.33 -5.41
N ASP E 120 -27.12 5.08 -6.05
CA ASP E 120 -26.79 5.68 -7.35
C ASP E 120 -26.21 4.58 -8.24
N ARG E 121 -26.86 3.42 -8.19
CA ARG E 121 -26.49 2.25 -8.96
C ARG E 121 -26.63 2.45 -10.46
N SER E 122 -27.05 3.64 -10.86
CA SER E 122 -27.22 3.91 -12.27
C SER E 122 -25.94 4.49 -12.85
N LYS E 123 -25.10 4.99 -11.94
CA LYS E 123 -23.84 5.59 -12.34
C LYS E 123 -22.79 4.47 -12.43
N ILE E 124 -23.25 3.23 -12.32
CA ILE E 124 -22.35 2.09 -12.36
C ILE E 124 -22.58 1.16 -13.54
N LYS E 125 -21.54 0.95 -14.34
CA LYS E 125 -21.64 0.04 -15.49
C LYS E 125 -21.03 -1.27 -15.05
N LEU E 126 -21.86 -2.29 -14.91
CA LEU E 126 -21.38 -3.59 -14.46
C LEU E 126 -20.07 -4.07 -15.11
N GLU E 127 -20.18 -4.67 -16.28
CA GLU E 127 -19.06 -5.17 -17.06
C GLU E 127 -17.66 -4.52 -17.00
N ASP E 128 -17.57 -3.25 -16.58
CA ASP E 128 -16.25 -2.58 -16.52
C ASP E 128 -15.51 -2.77 -15.18
N TYR E 129 -15.90 -3.77 -14.40
CA TYR E 129 -15.26 -4.06 -13.13
C TYR E 129 -15.08 -5.55 -13.04
N ASP E 130 -14.02 -5.99 -12.38
CA ASP E 130 -13.77 -7.43 -12.22
C ASP E 130 -14.83 -8.03 -11.30
N ILE E 131 -15.09 -7.35 -10.19
CA ILE E 131 -16.03 -7.78 -9.19
C ILE E 131 -17.05 -6.68 -8.89
N ILE E 132 -18.24 -7.10 -8.46
CA ILE E 132 -19.31 -6.19 -8.07
C ILE E 132 -19.91 -6.68 -6.76
N LEU E 133 -19.97 -5.80 -5.76
CA LEU E 133 -20.49 -6.16 -4.44
C LEU E 133 -21.93 -5.68 -4.26
N THR E 134 -22.86 -6.56 -3.88
CA THR E 134 -24.24 -6.12 -3.70
C THR E 134 -24.83 -6.65 -2.43
N THR E 135 -26.14 -6.44 -2.30
CA THR E 135 -26.89 -6.86 -1.13
C THR E 135 -28.08 -7.74 -1.48
N TYR E 136 -28.35 -8.76 -0.67
CA TYR E 136 -29.48 -9.63 -0.93
C TYR E 136 -30.66 -8.71 -1.20
N ALA E 137 -30.69 -7.62 -0.44
CA ALA E 137 -31.73 -6.60 -0.52
C ALA E 137 -31.86 -6.03 -1.92
N VAL E 138 -30.74 -5.56 -2.44
CA VAL E 138 -30.67 -4.98 -3.77
C VAL E 138 -30.99 -5.97 -4.90
N LEU E 139 -30.63 -7.23 -4.72
CA LEU E 139 -30.88 -8.22 -5.75
C LEU E 139 -32.37 -8.36 -5.97
N LEU E 140 -33.14 -8.16 -4.91
CA LEU E 140 -34.58 -8.24 -4.98
C LEU E 140 -35.19 -7.02 -5.64
N ARG E 141 -34.38 -6.04 -6.02
CA ARG E 141 -34.93 -4.82 -6.65
C ARG E 141 -34.08 -4.31 -7.81
N ASP E 142 -33.46 -5.22 -8.56
CA ASP E 142 -32.63 -4.79 -9.67
C ASP E 142 -32.39 -5.86 -10.73
N THR E 143 -32.92 -5.59 -11.91
CA THR E 143 -32.84 -6.49 -13.04
C THR E 143 -31.48 -6.56 -13.70
N ARG E 144 -30.80 -5.43 -13.77
CA ARG E 144 -29.51 -5.36 -14.41
C ARG E 144 -28.67 -6.55 -13.96
N LEU E 145 -28.64 -6.82 -12.66
CA LEU E 145 -27.88 -7.94 -12.14
C LEU E 145 -28.43 -9.22 -12.77
N LYS E 146 -29.73 -9.39 -12.61
CA LYS E 146 -30.48 -10.54 -13.12
C LYS E 146 -30.02 -11.09 -14.45
N GLU E 147 -29.59 -10.19 -15.34
CA GLU E 147 -29.18 -10.55 -16.70
C GLU E 147 -27.70 -10.44 -17.10
N VAL E 148 -26.80 -10.99 -16.31
CA VAL E 148 -25.39 -10.91 -16.66
C VAL E 148 -24.71 -12.28 -16.76
N GLU E 149 -23.65 -12.34 -17.54
CA GLU E 149 -22.89 -13.58 -17.70
C GLU E 149 -21.81 -13.50 -16.66
N TRP E 150 -22.10 -14.02 -15.47
CA TRP E 150 -21.15 -13.99 -14.36
C TRP E 150 -20.17 -15.16 -14.27
N LYS E 151 -18.89 -14.84 -14.16
CA LYS E 151 -17.87 -15.85 -14.01
C LYS E 151 -18.11 -16.45 -12.64
N TYR E 152 -17.83 -15.67 -11.58
CA TYR E 152 -18.06 -16.10 -10.19
C TYR E 152 -19.30 -15.45 -9.55
N ILE E 153 -19.91 -16.18 -8.63
CA ILE E 153 -21.04 -15.66 -7.87
C ILE E 153 -20.87 -16.23 -6.47
N VAL E 154 -20.53 -15.36 -5.53
CA VAL E 154 -20.33 -15.74 -4.15
C VAL E 154 -21.45 -15.22 -3.28
N ILE E 155 -22.14 -16.14 -2.61
CA ILE E 155 -23.23 -15.84 -1.69
C ILE E 155 -22.56 -15.79 -0.34
N ASP E 156 -22.44 -14.60 0.23
CA ASP E 156 -21.79 -14.47 1.53
C ASP E 156 -22.79 -14.59 2.64
N GLU E 157 -22.55 -15.51 3.57
CA GLU E 157 -23.44 -15.77 4.68
C GLU E 157 -24.72 -16.35 4.04
N ALA E 158 -24.54 -17.50 3.40
CA ALA E 158 -25.60 -18.20 2.68
C ALA E 158 -26.85 -18.55 3.46
N GLN E 159 -26.78 -18.53 4.80
CA GLN E 159 -27.98 -18.81 5.60
C GLN E 159 -29.15 -17.94 5.09
N ASN E 160 -28.83 -16.83 4.44
CA ASN E 160 -29.81 -15.90 3.91
C ASN E 160 -30.58 -16.53 2.81
N ILE E 161 -30.54 -17.84 2.74
CA ILE E 161 -31.26 -18.49 1.66
C ILE E 161 -31.99 -19.80 2.08
N LYS E 162 -31.88 -20.15 3.36
CA LYS E 162 -32.50 -21.36 3.91
C LYS E 162 -33.84 -21.66 3.25
N ASN E 163 -34.81 -20.78 3.51
CA ASN E 163 -36.15 -20.94 2.98
C ASN E 163 -36.28 -20.68 1.49
N PRO E 164 -36.33 -21.76 0.68
CA PRO E 164 -36.43 -21.70 -0.78
C PRO E 164 -37.72 -21.06 -1.15
N GLN E 165 -38.53 -20.82 -0.14
CA GLN E 165 -39.81 -20.18 -0.34
C GLN E 165 -39.58 -18.67 -0.37
N THR E 166 -38.47 -18.23 0.23
CA THR E 166 -38.15 -16.81 0.25
C THR E 166 -38.08 -16.32 -1.18
N LYS E 167 -38.06 -15.02 -1.40
CA LYS E 167 -37.98 -14.48 -2.75
C LYS E 167 -36.53 -14.38 -3.20
N ILE E 168 -35.64 -14.15 -2.23
CA ILE E 168 -34.23 -14.02 -2.52
C ILE E 168 -33.69 -15.36 -3.02
N PHE E 169 -34.29 -16.45 -2.60
CA PHE E 169 -33.84 -17.72 -3.09
C PHE E 169 -34.19 -17.71 -4.53
N LYS E 170 -35.44 -17.37 -4.77
CA LYS E 170 -35.98 -17.29 -6.12
C LYS E 170 -35.06 -16.43 -6.96
N ALA E 171 -34.87 -15.20 -6.50
CA ALA E 171 -34.04 -14.23 -7.22
C ALA E 171 -32.61 -14.67 -7.48
N VAL E 172 -32.04 -15.45 -6.54
CA VAL E 172 -30.67 -15.92 -6.64
C VAL E 172 -30.48 -17.14 -7.54
N LYS E 173 -31.48 -18.01 -7.59
CA LYS E 173 -31.34 -19.19 -8.44
C LYS E 173 -31.43 -18.78 -9.93
N GLU E 174 -32.18 -17.73 -10.19
CA GLU E 174 -32.36 -17.23 -11.53
C GLU E 174 -31.11 -16.57 -12.10
N LEU E 175 -30.02 -16.47 -11.33
CA LEU E 175 -28.80 -15.83 -11.83
C LEU E 175 -27.94 -16.75 -12.66
N LYS E 176 -27.15 -16.20 -13.57
CA LYS E 176 -26.30 -17.02 -14.43
C LYS E 176 -24.83 -17.01 -14.02
N SER E 177 -24.27 -18.20 -13.75
CA SER E 177 -22.87 -18.27 -13.31
C SER E 177 -22.01 -19.47 -13.75
N LYS E 178 -20.73 -19.20 -14.01
CA LYS E 178 -19.81 -20.22 -14.43
C LYS E 178 -19.23 -20.90 -13.20
N TYR E 179 -19.08 -20.13 -12.13
CA TYR E 179 -18.53 -20.65 -10.88
C TYR E 179 -19.27 -20.08 -9.66
N ARG E 180 -19.50 -20.94 -8.68
CA ARG E 180 -20.19 -20.52 -7.47
C ARG E 180 -19.48 -20.94 -6.16
N ILE E 181 -19.73 -20.15 -5.12
CA ILE E 181 -19.19 -20.38 -3.80
C ILE E 181 -20.20 -19.88 -2.77
N ALA E 182 -20.67 -20.77 -1.90
CA ALA E 182 -21.58 -20.34 -0.85
C ALA E 182 -20.72 -20.36 0.41
N LEU E 183 -20.61 -19.20 1.05
CA LEU E 183 -19.84 -19.03 2.28
C LEU E 183 -20.83 -19.01 3.43
N THR E 184 -20.58 -19.78 4.47
CA THR E 184 -21.47 -19.75 5.63
C THR E 184 -20.60 -19.92 6.87
N GLY E 185 -21.13 -19.45 8.00
CA GLY E 185 -20.38 -19.56 9.23
C GLY E 185 -20.74 -20.82 9.96
N THR E 186 -22.04 -21.10 10.03
CA THR E 186 -22.56 -22.28 10.70
C THR E 186 -22.46 -23.57 9.89
N PRO E 187 -22.45 -24.73 10.59
CA PRO E 187 -22.37 -26.03 9.91
C PRO E 187 -23.70 -26.35 9.20
N ILE E 188 -23.63 -26.67 7.91
CA ILE E 188 -24.84 -27.00 7.18
C ILE E 188 -25.07 -28.50 7.28
N GLU E 189 -23.99 -29.25 7.46
CA GLU E 189 -24.05 -30.69 7.55
C GLU E 189 -25.01 -31.16 8.62
N ASN E 190 -25.48 -30.25 9.48
CA ASN E 190 -26.38 -30.63 10.58
C ASN E 190 -27.72 -29.91 10.70
N LYS E 191 -28.10 -29.18 9.66
CA LYS E 191 -29.37 -28.44 9.65
C LYS E 191 -30.10 -28.88 8.38
N VAL E 192 -30.71 -30.07 8.39
CA VAL E 192 -31.38 -30.58 7.19
C VAL E 192 -32.16 -29.58 6.34
N ASP E 193 -33.03 -28.79 6.97
CA ASP E 193 -33.84 -27.81 6.23
C ASP E 193 -33.03 -26.76 5.43
N ASP E 194 -31.95 -26.26 6.01
CA ASP E 194 -31.14 -25.23 5.37
C ASP E 194 -30.26 -25.73 4.20
N LEU E 195 -29.83 -26.98 4.28
CA LEU E 195 -28.99 -27.61 3.27
C LEU E 195 -29.44 -27.47 1.81
N TRP E 196 -30.71 -27.79 1.55
CA TRP E 196 -31.24 -27.80 0.19
C TRP E 196 -30.94 -26.57 -0.63
N SER E 197 -31.53 -25.44 -0.28
CA SER E 197 -31.31 -24.22 -1.03
C SER E 197 -29.83 -23.96 -1.37
N ILE E 198 -28.99 -23.85 -0.34
CA ILE E 198 -27.57 -23.61 -0.55
C ILE E 198 -26.94 -24.63 -1.48
N MSE E 199 -27.31 -25.89 -1.26
CA MSE E 199 -26.81 -27.00 -2.05
C MSE E 199 -27.25 -26.94 -3.50
O MSE E 199 -26.42 -27.02 -4.41
CB MSE E 199 -27.28 -28.32 -1.45
CG MSE E 199 -26.50 -28.76 -0.23
SE MSE E 199 -24.59 -28.81 -0.54
CE MSE E 199 -24.49 -28.98 -2.49
N THR E 200 -28.57 -26.83 -3.68
CA THR E 200 -29.19 -26.76 -4.99
C THR E 200 -28.74 -25.56 -5.78
N PHE E 201 -28.41 -24.48 -5.08
CA PHE E 201 -27.92 -23.26 -5.74
C PHE E 201 -26.52 -23.55 -6.31
N LEU E 202 -25.74 -24.27 -5.52
CA LEU E 202 -24.38 -24.62 -5.87
C LEU E 202 -24.30 -25.60 -7.02
N ASN E 203 -25.15 -26.62 -6.97
CA ASN E 203 -25.22 -27.65 -8.02
C ASN E 203 -26.67 -28.09 -8.18
N PRO E 204 -27.44 -27.39 -9.04
CA PRO E 204 -28.85 -27.70 -9.27
C PRO E 204 -29.13 -29.15 -9.53
N GLY E 205 -30.11 -29.69 -8.81
CA GLY E 205 -30.49 -31.07 -8.99
C GLY E 205 -29.93 -32.06 -7.99
N LEU E 206 -28.68 -31.88 -7.62
CA LEU E 206 -28.01 -32.76 -6.69
C LEU E 206 -28.98 -33.32 -5.64
N LEU E 207 -30.09 -32.64 -5.36
CA LEU E 207 -31.06 -33.17 -4.39
C LEU E 207 -32.53 -33.16 -4.83
N GLY E 208 -32.75 -32.99 -6.12
CA GLY E 208 -34.11 -32.98 -6.64
C GLY E 208 -34.86 -31.71 -6.34
N SER E 209 -36.12 -31.83 -5.93
CA SER E 209 -36.94 -30.67 -5.63
C SER E 209 -37.13 -30.59 -4.15
N TYR E 210 -37.29 -29.38 -3.65
CA TYR E 210 -37.45 -29.19 -2.22
C TYR E 210 -38.55 -30.08 -1.67
N SER E 211 -39.51 -30.43 -2.52
CA SER E 211 -40.62 -31.29 -2.09
C SER E 211 -40.13 -32.73 -2.05
N GLU E 212 -39.51 -33.14 -3.14
CA GLU E 212 -38.95 -34.47 -3.32
C GLU E 212 -37.90 -34.71 -2.23
N PHE E 213 -36.95 -33.79 -2.11
CA PHE E 213 -35.89 -33.86 -1.09
C PHE E 213 -36.51 -34.05 0.28
N LYS E 214 -37.44 -33.17 0.65
CA LYS E 214 -38.08 -33.22 1.96
C LYS E 214 -38.70 -34.55 2.37
N SER E 215 -39.15 -35.34 1.42
CA SER E 215 -39.77 -36.62 1.75
C SER E 215 -38.93 -37.82 1.27
N LYS E 216 -37.64 -37.80 1.59
CA LYS E 216 -36.71 -38.84 1.21
C LYS E 216 -35.52 -38.71 2.11
N PHE E 217 -35.40 -37.53 2.72
CA PHE E 217 -34.31 -37.20 3.65
C PHE E 217 -34.81 -36.43 4.86
N ALA E 218 -35.39 -35.28 4.59
CA ALA E 218 -35.92 -34.41 5.65
C ALA E 218 -36.77 -35.11 6.69
N THR E 219 -38.08 -35.21 6.47
CA THR E 219 -38.96 -35.86 7.43
C THR E 219 -38.30 -37.16 7.88
N PRO E 220 -37.74 -37.95 6.94
CA PRO E 220 -37.07 -39.20 7.32
C PRO E 220 -36.02 -39.00 8.41
N ILE E 221 -35.01 -38.19 8.10
CA ILE E 221 -33.93 -37.90 9.06
C ILE E 221 -34.51 -37.34 10.36
N LYS E 222 -35.38 -36.35 10.21
CA LYS E 222 -36.01 -35.69 11.34
C LYS E 222 -36.70 -36.72 12.20
N LYS E 223 -37.47 -37.60 11.56
CA LYS E 223 -38.22 -38.67 12.23
C LYS E 223 -37.33 -39.76 12.83
N GLY E 224 -36.04 -39.45 12.98
CA GLY E 224 -35.10 -40.42 13.51
C GLY E 224 -34.76 -41.42 12.44
N ASP E 225 -33.61 -41.24 11.80
CA ASP E 225 -33.19 -42.15 10.75
C ASP E 225 -31.70 -41.99 10.56
N ASN E 226 -31.01 -43.09 10.37
CA ASN E 226 -29.57 -43.04 10.18
C ASN E 226 -29.22 -43.26 8.74
N MSE E 227 -29.85 -44.26 8.15
CA MSE E 227 -29.59 -44.59 6.76
C MSE E 227 -29.89 -43.38 5.89
O MSE E 227 -29.43 -43.29 4.76
CB MSE E 227 -30.44 -45.80 6.34
CG MSE E 227 -30.16 -47.08 7.15
SE MSE E 227 -28.34 -47.83 6.99
CE MSE E 227 -27.47 -46.71 8.32
N ALA E 228 -30.67 -42.46 6.45
CA ALA E 228 -31.03 -41.23 5.73
C ALA E 228 -29.86 -40.25 5.74
N LYS E 229 -29.47 -39.83 6.94
CA LYS E 229 -28.35 -38.91 7.05
C LYS E 229 -27.17 -39.50 6.31
N GLU E 230 -26.63 -40.61 6.82
CA GLU E 230 -25.47 -41.24 6.21
C GLU E 230 -25.41 -41.02 4.72
N GLU E 231 -26.51 -41.31 4.04
CA GLU E 231 -26.56 -41.11 2.59
C GLU E 231 -26.54 -39.63 2.24
N LEU E 232 -27.57 -38.90 2.66
CA LEU E 232 -27.65 -37.47 2.44
C LEU E 232 -26.29 -36.81 2.62
N LYS E 233 -25.65 -37.17 3.74
CA LYS E 233 -24.34 -36.65 4.07
C LYS E 233 -23.42 -36.97 2.91
N ALA E 234 -23.31 -38.26 2.60
CA ALA E 234 -22.45 -38.75 1.52
C ALA E 234 -22.58 -38.03 0.17
N ILE E 235 -23.81 -37.63 -0.18
CA ILE E 235 -24.10 -36.95 -1.45
C ILE E 235 -23.59 -35.51 -1.47
N ILE E 236 -23.61 -34.90 -0.28
CA ILE E 236 -23.21 -33.52 0.01
C ILE E 236 -21.75 -33.29 0.41
N SER E 237 -21.30 -34.05 1.39
CA SER E 237 -19.95 -33.97 1.93
C SER E 237 -18.81 -33.59 0.99
N PRO E 238 -18.87 -33.99 -0.29
CA PRO E 238 -17.76 -33.61 -1.17
C PRO E 238 -17.83 -32.18 -1.65
N PHE E 239 -18.89 -31.49 -1.26
CA PHE E 239 -19.07 -30.11 -1.68
C PHE E 239 -18.98 -29.13 -0.52
N ILE E 240 -18.89 -29.68 0.68
CA ILE E 240 -18.82 -28.91 1.90
C ILE E 240 -17.50 -29.04 2.64
N LEU E 241 -16.74 -27.96 2.75
CA LEU E 241 -15.50 -28.02 3.50
C LEU E 241 -15.65 -27.10 4.71
N ARG E 242 -15.40 -27.60 5.90
CA ARG E 242 -15.54 -26.79 7.10
C ARG E 242 -14.50 -27.15 8.15
N ARG E 243 -13.93 -26.13 8.80
CA ARG E 243 -12.89 -26.34 9.81
C ARG E 243 -13.06 -25.42 11.03
N THR E 244 -13.42 -25.99 12.18
CA THR E 244 -13.63 -25.20 13.41
C THR E 244 -12.37 -24.60 13.93
N LYS E 245 -12.48 -23.66 14.86
CA LYS E 245 -11.28 -23.05 15.42
C LYS E 245 -10.48 -23.98 16.34
N TYR E 246 -11.05 -25.10 16.75
CA TYR E 246 -10.33 -26.00 17.62
C TYR E 246 -9.78 -27.23 16.88
N ASP E 247 -9.90 -27.26 15.55
CA ASP E 247 -9.39 -28.41 14.82
C ASP E 247 -7.88 -28.48 15.04
N LYS E 248 -7.39 -29.63 15.50
CA LYS E 248 -5.95 -29.81 15.75
C LYS E 248 -5.16 -29.19 14.64
N ALA E 249 -5.56 -29.54 13.42
CA ALA E 249 -4.90 -29.03 12.25
C ALA E 249 -4.58 -27.54 12.41
N ILE E 250 -5.59 -26.76 12.78
CA ILE E 250 -5.43 -25.31 12.88
C ILE E 250 -5.31 -24.55 14.23
N ILE E 251 -5.69 -25.16 15.35
CA ILE E 251 -5.60 -24.45 16.62
C ILE E 251 -4.32 -23.68 16.83
N ASN E 252 -3.19 -24.27 16.45
CA ASN E 252 -1.88 -23.66 16.67
C ASN E 252 -1.30 -22.86 15.53
N ASP E 253 -2.07 -22.69 14.47
CA ASP E 253 -1.56 -21.90 13.38
C ASP E 253 -2.19 -20.53 13.39
N LEU E 254 -3.44 -20.46 13.84
CA LEU E 254 -4.15 -19.18 13.96
C LEU E 254 -3.39 -18.17 14.84
N PRO E 255 -3.57 -16.87 14.60
CA PRO E 255 -2.85 -15.97 15.50
C PRO E 255 -3.54 -16.15 16.86
N ASP E 256 -2.86 -15.91 17.97
CA ASP E 256 -3.59 -16.11 19.23
C ASP E 256 -4.58 -14.99 19.47
N LYS E 257 -4.38 -13.87 18.79
CA LYS E 257 -5.30 -12.75 18.91
C LYS E 257 -5.70 -12.31 17.50
N ILE E 258 -6.97 -12.47 17.16
CA ILE E 258 -7.51 -12.13 15.83
C ILE E 258 -8.43 -10.92 15.98
N GLU E 259 -8.18 -9.86 15.22
CA GLU E 259 -9.01 -8.67 15.36
C GLU E 259 -9.76 -8.16 14.13
N THR E 260 -11.09 -8.21 14.17
CA THR E 260 -11.92 -7.70 13.06
C THR E 260 -12.61 -6.42 13.46
N ASN E 261 -13.03 -5.64 12.48
CA ASN E 261 -13.71 -4.38 12.76
C ASN E 261 -15.17 -4.57 12.42
N VAL E 262 -16.04 -4.43 13.43
CA VAL E 262 -17.48 -4.58 13.24
C VAL E 262 -18.10 -3.23 12.94
N TYR E 263 -18.62 -3.06 11.72
CA TYR E 263 -19.24 -1.82 11.32
C TYR E 263 -20.67 -1.69 11.81
N CYS E 264 -20.97 -0.55 12.45
CA CYS E 264 -22.28 -0.28 12.99
C CYS E 264 -22.94 0.90 12.36
N ASN E 265 -24.25 0.85 12.18
CA ASN E 265 -25.00 1.98 11.63
C ASN E 265 -25.74 2.67 12.78
N LEU E 266 -25.92 3.98 12.69
CA LEU E 266 -26.65 4.74 13.72
C LEU E 266 -28.12 4.64 13.48
N THR E 267 -28.87 4.65 14.57
CA THR E 267 -30.31 4.61 14.48
C THR E 267 -30.74 6.01 14.11
N PRO E 268 -31.94 6.19 13.49
CA PRO E 268 -32.39 7.55 13.10
C PRO E 268 -32.30 8.48 14.27
N GLU E 269 -32.63 8.00 15.45
CA GLU E 269 -32.54 8.82 16.64
C GLU E 269 -31.09 9.27 16.87
N GLN E 270 -30.15 8.33 16.96
CA GLN E 270 -28.78 8.71 17.18
C GLN E 270 -28.29 9.67 16.15
N ALA E 271 -28.62 9.44 14.88
CA ALA E 271 -28.14 10.31 13.83
C ALA E 271 -28.65 11.74 13.98
N ALA E 272 -29.84 11.88 14.56
CA ALA E 272 -30.42 13.20 14.76
C ALA E 272 -29.54 13.87 15.79
N MSE E 273 -29.43 13.25 16.95
CA MSE E 273 -28.61 13.75 18.04
C MSE E 273 -27.21 14.10 17.56
O MSE E 273 -26.72 15.20 17.81
CB MSE E 273 -28.52 12.69 19.13
CG MSE E 273 -29.88 12.23 19.61
SE MSE E 273 -29.81 11.05 21.12
CE MSE E 273 -29.85 12.35 22.56
N TYR E 274 -26.57 13.15 16.88
CA TYR E 274 -25.23 13.36 16.36
C TYR E 274 -25.29 14.66 15.55
N LYS E 275 -25.90 14.61 14.38
CA LYS E 275 -26.03 15.79 13.53
C LYS E 275 -26.32 17.02 14.36
N ALA E 276 -27.18 16.87 15.36
CA ALA E 276 -27.57 17.96 16.24
C ALA E 276 -26.37 18.55 16.98
N GLU E 277 -25.58 17.70 17.64
CA GLU E 277 -24.40 18.18 18.37
C GLU E 277 -23.32 18.74 17.45
N VAL E 278 -23.05 18.07 16.33
CA VAL E 278 -22.04 18.53 15.39
C VAL E 278 -22.38 19.95 14.95
N GLU E 279 -23.47 20.04 14.22
CA GLU E 279 -23.97 21.31 13.74
C GLU E 279 -24.48 21.99 14.99
N ASN E 280 -23.56 22.58 15.72
CA ASN E 280 -23.85 23.26 16.97
C ASN E 280 -22.51 23.74 17.50
N LEU E 281 -21.52 22.87 17.37
CA LEU E 281 -20.17 23.21 17.78
C LEU E 281 -19.67 24.20 16.74
N PHE E 282 -20.10 23.99 15.50
CA PHE E 282 -19.69 24.85 14.42
C PHE E 282 -20.61 26.06 14.31
N ASN E 283 -21.14 26.48 15.45
CA ASN E 283 -22.02 27.64 15.52
C ASN E 283 -21.50 28.50 16.66
N ASN E 284 -20.57 27.94 17.43
CA ASN E 284 -19.97 28.63 18.56
C ASN E 284 -18.46 28.59 18.46
N ILE E 285 -17.95 27.52 17.85
CA ILE E 285 -16.52 27.35 17.69
C ILE E 285 -15.94 28.66 17.13
N ASP E 286 -16.65 29.28 16.20
CA ASP E 286 -16.20 30.53 15.58
C ASP E 286 -16.06 31.64 16.59
N SER E 287 -17.01 31.70 17.52
CA SER E 287 -16.99 32.73 18.53
C SER E 287 -15.70 32.66 19.33
N VAL E 288 -15.47 31.54 20.01
CA VAL E 288 -14.29 31.40 20.85
C VAL E 288 -12.98 30.85 20.26
N THR E 289 -11.99 30.77 21.14
CA THR E 289 -10.65 30.27 20.81
C THR E 289 -9.81 30.07 22.06
N GLY E 290 -8.59 29.58 21.87
CA GLY E 290 -7.71 29.34 22.98
C GLY E 290 -8.17 28.19 23.85
N ILE E 291 -8.08 28.38 25.16
CA ILE E 291 -8.47 27.36 26.15
C ILE E 291 -9.88 26.85 26.00
N LYS E 292 -10.82 27.78 25.82
CA LYS E 292 -12.22 27.43 25.69
C LYS E 292 -12.55 26.74 24.38
N ARG E 293 -11.75 26.97 23.33
CA ARG E 293 -12.02 26.30 22.06
C ARG E 293 -11.74 24.84 22.28
N LYS E 294 -10.63 24.52 22.93
CA LYS E 294 -10.28 23.13 23.20
C LYS E 294 -11.36 22.44 24.06
N GLY E 295 -11.74 23.08 25.16
CA GLY E 295 -12.74 22.51 26.05
C GLY E 295 -14.07 22.29 25.37
N MSE E 296 -14.51 23.28 24.60
CA MSE E 296 -15.76 23.20 23.86
C MSE E 296 -15.74 21.96 22.95
O MSE E 296 -16.65 21.14 22.99
CB MSE E 296 -15.93 24.47 23.03
CG MSE E 296 -17.16 24.54 22.16
SE MSE E 296 -17.64 26.35 21.54
CE MSE E 296 -18.89 26.79 22.93
N ILE E 297 -14.70 21.82 22.14
CA ILE E 297 -14.57 20.69 21.25
C ILE E 297 -14.46 19.37 22.00
N LEU E 298 -14.10 19.44 23.28
CA LEU E 298 -13.95 18.22 24.10
C LEU E 298 -15.26 17.61 24.58
N SER E 299 -16.13 18.46 25.09
CA SER E 299 -17.41 17.99 25.58
C SER E 299 -18.25 17.60 24.38
N THR E 300 -18.20 18.42 23.34
CA THR E 300 -18.97 18.11 22.16
C THR E 300 -18.46 16.77 21.58
N LEU E 301 -17.19 16.49 21.81
CA LEU E 301 -16.59 15.23 21.35
C LEU E 301 -17.14 14.18 22.29
N LEU E 302 -17.14 14.50 23.58
CA LEU E 302 -17.65 13.59 24.58
C LEU E 302 -19.15 13.24 24.39
N LYS E 303 -19.96 14.24 24.10
CA LYS E 303 -21.37 13.96 23.91
C LYS E 303 -21.47 13.04 22.69
N LEU E 304 -20.71 13.30 21.65
CA LEU E 304 -20.78 12.43 20.48
C LEU E 304 -20.45 10.99 20.85
N LYS E 305 -19.32 10.76 21.51
CA LYS E 305 -18.94 9.42 21.90
C LYS E 305 -19.97 8.68 22.73
N GLN E 306 -21.00 9.38 23.20
CA GLN E 306 -22.05 8.74 24.00
C GLN E 306 -23.24 8.48 23.11
N ILE E 307 -23.52 9.43 22.23
CA ILE E 307 -24.65 9.23 21.34
C ILE E 307 -24.45 8.01 20.46
N VAL E 308 -23.20 7.67 20.14
CA VAL E 308 -22.93 6.51 19.28
C VAL E 308 -23.06 5.25 20.12
N ASP E 309 -22.79 5.37 21.43
CA ASP E 309 -22.88 4.23 22.35
C ASP E 309 -24.31 3.80 22.65
N HIS E 310 -25.17 4.76 22.98
CA HIS E 310 -26.58 4.51 23.28
C HIS E 310 -27.19 5.82 23.73
N PRO E 311 -28.30 6.25 23.12
CA PRO E 311 -29.05 7.49 23.42
C PRO E 311 -29.51 7.66 24.86
N ALA E 312 -29.81 6.59 25.55
CA ALA E 312 -30.20 6.69 26.94
C ALA E 312 -29.10 7.28 27.86
N LEU E 313 -27.86 7.34 27.39
CA LEU E 313 -26.77 7.87 28.21
C LEU E 313 -26.97 9.35 28.43
N LEU E 314 -27.62 10.02 27.46
CA LEU E 314 -27.93 11.47 27.58
C LEU E 314 -29.45 11.79 27.71
N LYS E 315 -30.30 10.92 27.21
CA LYS E 315 -31.73 11.15 27.29
C LYS E 315 -32.41 10.29 28.35
N GLY E 316 -31.72 9.31 28.89
CA GLY E 316 -32.37 8.44 29.85
C GLY E 316 -33.46 7.72 29.09
N GLY E 317 -34.49 7.26 29.74
CA GLY E 317 -35.52 6.58 28.99
C GLY E 317 -35.11 5.15 28.78
N GLU E 318 -36.02 4.35 28.24
CA GLU E 318 -35.84 2.92 27.98
C GLU E 318 -34.53 2.49 27.33
N GLN E 319 -33.80 1.59 28.02
CA GLN E 319 -32.51 1.09 27.54
C GLN E 319 -32.67 -0.09 26.62
N SER E 320 -33.19 0.14 25.44
CA SER E 320 -33.44 -0.92 24.49
C SER E 320 -32.29 -1.18 23.51
N VAL E 321 -32.29 -2.37 22.90
CA VAL E 321 -31.29 -2.76 21.90
C VAL E 321 -31.54 -1.97 20.63
N ARG E 322 -32.79 -1.68 20.40
CA ARG E 322 -33.14 -0.98 19.20
C ARG E 322 -32.67 0.46 19.16
N ARG E 323 -32.54 1.10 20.32
CA ARG E 323 -32.12 2.49 20.29
C ARG E 323 -30.68 2.73 19.81
N SER E 324 -29.84 1.71 19.95
CA SER E 324 -28.43 1.76 19.55
C SER E 324 -27.97 0.79 18.45
N GLY E 325 -27.19 1.32 17.52
CA GLY E 325 -26.63 0.54 16.44
C GLY E 325 -25.60 -0.44 16.98
N LYS E 326 -24.74 0.00 17.89
CA LYS E 326 -23.74 -0.89 18.49
C LYS E 326 -24.36 -2.07 19.24
N MSE E 327 -25.47 -1.80 19.89
CA MSE E 327 -26.17 -2.84 20.64
C MSE E 327 -26.76 -3.85 19.69
O MSE E 327 -26.81 -5.06 20.01
CB MSE E 327 -27.25 -2.21 21.51
CG MSE E 327 -26.68 -1.65 22.79
SE MSE E 327 -25.56 -2.96 23.74
CE MSE E 327 -26.82 -4.46 23.92
N ILE E 328 -27.18 -3.39 18.52
CA ILE E 328 -27.72 -4.29 17.53
C ILE E 328 -26.60 -5.26 17.11
N ARG E 329 -25.47 -4.74 16.63
CA ARG E 329 -24.32 -5.60 16.28
C ARG E 329 -23.84 -6.42 17.50
N THR E 330 -23.64 -5.80 18.66
CA THR E 330 -23.21 -6.58 19.81
C THR E 330 -24.11 -7.82 19.98
N MSE E 331 -25.42 -7.68 19.80
CA MSE E 331 -26.27 -8.84 19.99
C MSE E 331 -26.01 -9.91 18.95
O MSE E 331 -25.97 -11.09 19.31
CB MSE E 331 -27.74 -8.46 20.00
CG MSE E 331 -28.14 -7.68 21.22
SE MSE E 331 -27.65 -8.49 22.95
CE MSE E 331 -29.26 -9.44 23.38
N GLU E 332 -25.84 -9.51 17.69
CA GLU E 332 -25.58 -10.48 16.60
C GLU E 332 -24.30 -11.28 16.91
N ILE E 333 -23.28 -10.58 17.39
CA ILE E 333 -22.01 -11.22 17.75
C ILE E 333 -22.25 -12.15 18.91
N ILE E 334 -22.71 -11.65 20.03
CA ILE E 334 -22.98 -12.52 21.17
C ILE E 334 -23.65 -13.85 20.76
N GLU E 335 -24.56 -13.77 19.80
CA GLU E 335 -25.29 -14.92 19.26
C GLU E 335 -24.36 -16.00 18.69
N GLU E 336 -23.44 -15.60 17.81
CA GLU E 336 -22.44 -16.50 17.22
C GLU E 336 -21.53 -17.07 18.31
N ALA E 337 -20.77 -16.18 18.94
CA ALA E 337 -19.87 -16.56 20.00
C ALA E 337 -20.55 -17.58 20.90
N LEU E 338 -21.77 -17.29 21.36
CA LEU E 338 -22.44 -18.26 22.22
C LEU E 338 -22.53 -19.64 21.58
N ASP E 339 -22.61 -19.66 20.25
CA ASP E 339 -22.73 -20.89 19.48
C ASP E 339 -21.45 -21.73 19.45
N GLU E 340 -20.62 -21.57 20.49
CA GLU E 340 -19.39 -22.32 20.72
C GLU E 340 -18.93 -21.92 22.09
N GLY E 341 -19.80 -22.20 23.06
CA GLY E 341 -19.59 -21.91 24.46
C GLY E 341 -18.44 -20.98 24.80
N ASP E 342 -18.31 -19.88 24.03
CA ASP E 342 -17.26 -18.89 24.24
C ASP E 342 -17.51 -18.09 25.52
N LYS E 343 -16.47 -17.41 25.99
CA LYS E 343 -16.53 -16.56 27.17
C LYS E 343 -16.23 -15.20 26.62
N ILE E 344 -17.24 -14.33 26.56
CA ILE E 344 -17.11 -12.99 26.00
C ILE E 344 -16.83 -11.92 27.05
N ALA E 345 -16.01 -10.93 26.69
CA ALA E 345 -15.67 -9.86 27.60
C ALA E 345 -15.87 -8.51 26.89
N ILE E 346 -16.81 -7.72 27.39
CA ILE E 346 -17.07 -6.43 26.75
C ILE E 346 -16.46 -5.23 27.49
N PHE E 347 -15.68 -4.44 26.78
CA PHE E 347 -15.09 -3.25 27.37
C PHE E 347 -15.85 -1.96 26.96
N THR E 348 -15.88 -1.00 27.87
CA THR E 348 -16.53 0.27 27.58
C THR E 348 -16.02 1.37 28.51
N GLN E 349 -15.76 2.53 27.91
CA GLN E 349 -15.23 3.67 28.66
C GLN E 349 -16.23 4.39 29.54
N PHE E 350 -17.52 4.07 29.44
CA PHE E 350 -18.46 4.76 30.30
C PHE E 350 -19.10 3.77 31.24
N VAL E 351 -18.93 4.02 32.52
CA VAL E 351 -19.51 3.14 33.50
C VAL E 351 -20.98 3.00 33.19
N ASP E 352 -21.62 4.11 32.93
CA ASP E 352 -23.02 4.09 32.61
C ASP E 352 -23.33 3.13 31.44
N MSE E 353 -22.44 3.09 30.46
CA MSE E 353 -22.66 2.18 29.34
C MSE E 353 -22.45 0.79 29.87
O MSE E 353 -23.11 -0.12 29.45
CB MSE E 353 -21.70 2.45 28.20
CG MSE E 353 -22.08 1.69 26.96
SE MSE E 353 -23.84 2.13 26.21
CE MSE E 353 -24.77 0.49 26.49
N GLY E 354 -21.54 0.63 30.82
CA GLY E 354 -21.29 -0.68 31.40
C GLY E 354 -22.57 -1.25 31.96
N LYS E 355 -23.31 -0.43 32.71
CA LYS E 355 -24.59 -0.89 33.30
C LYS E 355 -25.68 -1.22 32.24
N ILE E 356 -25.81 -0.36 31.23
CA ILE E 356 -26.82 -0.63 30.23
C ILE E 356 -26.55 -1.95 29.54
N ILE E 357 -25.31 -2.17 29.09
CA ILE E 357 -24.95 -3.40 28.38
C ILE E 357 -25.25 -4.58 29.26
N ARG E 358 -24.77 -4.56 30.50
CA ARG E 358 -25.06 -5.70 31.34
C ARG E 358 -26.56 -5.95 31.44
N ASN E 359 -27.32 -4.89 31.69
CA ASN E 359 -28.78 -4.96 31.78
C ASN E 359 -29.41 -5.58 30.56
N ILE E 360 -29.14 -5.04 29.38
CA ILE E 360 -29.72 -5.58 28.15
C ILE E 360 -29.40 -7.08 27.97
N ILE E 361 -28.12 -7.43 28.04
CA ILE E 361 -27.70 -8.83 27.87
C ILE E 361 -28.43 -9.71 28.86
N GLU E 362 -28.28 -9.43 30.15
CA GLU E 362 -28.96 -10.25 31.14
C GLU E 362 -30.42 -10.47 30.78
N LYS E 363 -31.18 -9.40 30.55
CA LYS E 363 -32.57 -9.57 30.22
C LYS E 363 -32.85 -10.38 28.96
N GLU E 364 -32.30 -9.95 27.83
CA GLU E 364 -32.53 -10.64 26.57
C GLU E 364 -32.13 -12.11 26.49
N LEU E 365 -30.96 -12.45 27.02
CA LEU E 365 -30.48 -13.83 26.95
C LEU E 365 -30.87 -14.55 28.22
N ASN E 366 -31.38 -13.81 29.18
CA ASN E 366 -31.82 -14.40 30.44
C ASN E 366 -30.71 -15.25 31.05
N THR E 367 -29.54 -14.65 31.14
CA THR E 367 -28.34 -15.28 31.69
C THR E 367 -27.74 -14.37 32.79
N GLU E 368 -26.72 -14.84 33.48
CA GLU E 368 -26.10 -14.05 34.52
C GLU E 368 -24.90 -13.29 33.95
N VAL E 369 -24.78 -11.99 34.23
CA VAL E 369 -23.68 -11.17 33.69
C VAL E 369 -22.92 -10.25 34.66
N PRO E 370 -21.80 -10.71 35.28
CA PRO E 370 -21.06 -9.84 36.22
C PRO E 370 -20.50 -8.63 35.52
N PHE E 371 -20.38 -7.53 36.25
CA PHE E 371 -19.91 -6.26 35.69
C PHE E 371 -18.87 -5.73 36.62
N LEU E 372 -17.72 -5.39 36.06
CA LEU E 372 -16.56 -4.89 36.80
C LEU E 372 -16.12 -3.50 36.41
N TYR E 373 -16.04 -2.60 37.38
CA TYR E 373 -15.58 -1.22 37.16
C TYR E 373 -14.77 -0.74 38.36
N GLY E 374 -14.18 0.45 38.24
CA GLY E 374 -13.36 1.04 39.29
C GLY E 374 -13.81 1.00 40.76
N GLU E 375 -14.82 1.79 41.11
CA GLU E 375 -15.33 1.86 42.49
C GLU E 375 -15.30 0.56 43.30
N LEU E 376 -15.70 -0.55 42.71
CA LEU E 376 -15.72 -1.82 43.41
C LEU E 376 -14.44 -2.11 44.22
N SER E 377 -14.63 -2.76 45.36
CA SER E 377 -13.52 -3.10 46.23
C SER E 377 -12.69 -4.18 45.56
N LYS E 378 -11.37 -4.12 45.76
CA LYS E 378 -10.45 -5.13 45.20
C LYS E 378 -11.00 -6.53 45.53
N LYS E 379 -11.65 -6.65 46.66
CA LYS E 379 -12.19 -7.92 47.05
C LYS E 379 -13.39 -8.23 46.18
N GLU E 380 -14.12 -7.19 45.77
CA GLU E 380 -15.31 -7.35 44.91
C GLU E 380 -14.87 -7.77 43.51
N ARG E 381 -13.91 -7.02 42.96
CA ARG E 381 -13.34 -7.29 41.66
C ARG E 381 -13.04 -8.80 41.59
N ASP E 382 -12.01 -9.20 42.33
CA ASP E 382 -11.54 -10.57 42.38
C ASP E 382 -12.64 -11.59 42.65
N ASP E 383 -13.79 -11.15 43.15
CA ASP E 383 -14.90 -12.07 43.39
C ASP E 383 -15.55 -12.35 42.03
N ILE E 384 -15.65 -11.29 41.22
CA ILE E 384 -16.26 -11.40 39.90
C ILE E 384 -15.42 -12.23 38.93
N ILE E 385 -14.12 -11.90 38.85
CA ILE E 385 -13.22 -12.59 37.95
C ILE E 385 -13.21 -14.07 38.24
N SER E 386 -13.60 -14.43 39.47
CA SER E 386 -13.66 -15.84 39.84
C SER E 386 -14.96 -16.47 39.30
N LYS E 387 -16.02 -15.68 39.28
CA LYS E 387 -17.29 -16.17 38.77
C LYS E 387 -17.18 -16.36 37.25
N PHE E 388 -16.40 -15.49 36.61
CA PHE E 388 -16.21 -15.51 35.18
C PHE E 388 -15.51 -16.77 34.66
N GLN E 389 -14.36 -17.09 35.25
CA GLN E 389 -13.61 -18.25 34.77
C GLN E 389 -14.06 -19.56 35.40
N ASN E 390 -14.69 -19.51 36.56
CA ASN E 390 -15.10 -20.74 37.19
C ASN E 390 -16.56 -21.18 37.05
N ASN E 391 -17.53 -20.28 36.92
CA ASN E 391 -18.89 -20.78 36.77
C ASN E 391 -19.16 -21.10 35.30
N PRO E 392 -19.41 -22.39 35.00
CA PRO E 392 -19.69 -22.84 33.63
C PRO E 392 -20.78 -22.02 32.96
N SER E 393 -21.79 -21.64 33.73
CA SER E 393 -22.94 -20.88 33.24
C SER E 393 -22.65 -19.42 32.90
N VAL E 394 -21.78 -18.78 33.68
CA VAL E 394 -21.41 -17.38 33.44
C VAL E 394 -20.61 -17.26 32.13
N LYS E 395 -21.26 -16.85 31.05
CA LYS E 395 -20.61 -16.73 29.77
C LYS E 395 -20.15 -15.33 29.37
N PHE E 396 -20.51 -14.30 30.14
CA PHE E 396 -20.12 -12.91 29.81
C PHE E 396 -19.47 -12.19 30.97
N ILE E 397 -19.02 -10.99 30.70
CA ILE E 397 -18.41 -10.17 31.71
C ILE E 397 -18.24 -8.86 31.01
N VAL E 398 -18.64 -7.80 31.70
CA VAL E 398 -18.59 -6.43 31.16
C VAL E 398 -17.65 -5.67 32.04
N LEU E 399 -16.75 -4.90 31.43
CA LEU E 399 -15.76 -4.14 32.17
C LEU E 399 -15.73 -2.70 31.76
N SER E 400 -15.68 -1.83 32.76
CA SER E 400 -15.63 -0.40 32.49
C SER E 400 -14.47 0.16 33.34
N VAL E 401 -13.29 0.13 32.77
CA VAL E 401 -12.13 0.59 33.49
C VAL E 401 -11.16 1.16 32.46
N LYS E 402 -10.18 1.95 32.92
CA LYS E 402 -9.14 2.53 32.06
C LYS E 402 -7.83 1.89 32.47
N ALA E 403 -7.04 1.42 31.51
CA ALA E 403 -5.76 0.81 31.85
C ALA E 403 -4.76 1.91 32.19
N GLY E 405 -4.52 -0.09 34.20
CA GLY E 405 -3.67 0.05 35.37
C GLY E 405 -4.19 -0.65 36.61
N PHE E 406 -4.73 -1.84 36.42
CA PHE E 406 -5.26 -2.64 37.53
C PHE E 406 -4.91 -4.11 37.21
N GLY E 407 -5.34 -5.02 38.07
CA GLY E 407 -5.05 -6.42 37.83
C GLY E 407 -6.25 -7.24 37.40
N ILE E 408 -6.52 -7.29 36.11
CA ILE E 408 -7.64 -8.09 35.66
C ILE E 408 -7.06 -9.32 35.00
N ASN E 409 -7.60 -10.48 35.38
CA ASN E 409 -7.15 -11.73 34.81
C ASN E 409 -8.19 -12.27 33.84
N LEU E 410 -8.05 -11.95 32.57
CA LEU E 410 -9.07 -12.45 31.63
C LEU E 410 -8.70 -13.64 30.75
N THR E 411 -7.72 -14.43 31.20
CA THR E 411 -7.30 -15.61 30.45
C THR E 411 -8.44 -16.57 30.00
N SER E 412 -9.63 -16.46 30.57
CA SER E 412 -10.70 -17.35 30.19
C SER E 412 -11.48 -16.90 28.99
N ALA E 413 -11.26 -15.65 28.59
CA ALA E 413 -11.98 -15.05 27.49
C ALA E 413 -11.46 -15.45 26.13
N ASN E 414 -12.28 -16.02 25.25
CA ASN E 414 -11.81 -16.37 23.90
C ASN E 414 -12.30 -15.34 22.94
N ARG E 415 -13.39 -14.67 23.34
CA ARG E 415 -14.01 -13.62 22.53
C ARG E 415 -13.95 -12.31 23.32
N VAL E 416 -13.57 -11.23 22.68
CA VAL E 416 -13.52 -9.93 23.34
C VAL E 416 -14.17 -8.82 22.50
N ILE E 417 -14.92 -7.93 23.15
CA ILE E 417 -15.55 -6.81 22.43
C ILE E 417 -15.22 -5.41 22.98
N HIS E 418 -14.74 -4.54 22.12
CA HIS E 418 -14.48 -3.18 22.55
C HIS E 418 -15.63 -2.34 21.98
N PHE E 419 -16.59 -2.05 22.88
CA PHE E 419 -17.79 -1.32 22.56
C PHE E 419 -17.40 0.01 21.97
N ASP E 420 -16.58 0.74 22.70
CA ASP E 420 -16.12 2.04 22.23
C ASP E 420 -14.60 1.99 22.27
N ARG E 421 -13.94 3.06 21.84
CA ARG E 421 -12.49 3.09 21.85
C ARG E 421 -12.00 3.63 23.20
N TRP E 422 -12.00 2.76 24.21
CA TRP E 422 -11.61 3.08 25.58
C TRP E 422 -10.13 2.97 25.93
N TRP E 423 -9.28 2.51 25.01
CA TRP E 423 -7.86 2.36 25.31
C TRP E 423 -6.98 3.51 24.83
N ASN E 424 -6.05 3.91 25.69
CA ASN E 424 -5.08 4.97 25.41
C ASN E 424 -4.23 4.54 24.21
N PRO E 425 -4.41 5.23 23.08
CA PRO E 425 -3.66 4.92 21.87
C PRO E 425 -2.16 4.84 22.12
N ASP E 429 -0.76 -1.32 22.42
CA ASP E 429 -2.00 -2.07 22.57
C ASP E 429 -1.80 -3.46 23.16
N GLN E 430 -0.93 -4.27 22.56
CA GLN E 430 -0.67 -5.61 23.09
C GLN E 430 -0.10 -5.46 24.50
N ALA E 431 0.30 -4.23 24.81
CA ALA E 431 0.85 -3.87 26.11
C ALA E 431 -0.33 -3.52 27.03
N THR E 432 -1.50 -3.39 26.40
CA THR E 432 -2.76 -3.09 27.08
C THR E 432 -3.46 -4.43 27.29
N ASP E 433 -3.41 -5.28 26.26
CA ASP E 433 -4.03 -6.60 26.35
C ASP E 433 -3.30 -7.42 27.40
N ARG E 434 -1.99 -7.22 27.52
CA ARG E 434 -1.16 -7.92 28.50
C ARG E 434 -1.43 -7.48 29.95
N VAL E 435 -1.94 -6.27 30.14
CA VAL E 435 -2.25 -5.77 31.48
C VAL E 435 -3.32 -6.71 32.03
N TYR E 436 -4.17 -7.16 31.11
CA TYR E 436 -5.23 -8.12 31.36
C TYR E 436 -4.46 -9.29 30.74
N ARG E 437 -4.90 -10.53 30.84
CA ARG E 437 -4.03 -11.53 30.23
C ARG E 437 -4.66 -12.08 28.99
N ILE E 438 -4.99 -11.18 28.06
CA ILE E 438 -5.72 -11.52 26.84
C ILE E 438 -5.24 -12.59 25.90
N GLY E 439 -4.09 -12.44 25.27
CA GLY E 439 -3.71 -13.55 24.39
C GLY E 439 -3.51 -14.81 25.26
N GLN E 440 -2.57 -14.66 26.16
CA GLN E 440 -2.17 -15.60 27.16
C GLN E 440 -2.47 -17.10 27.10
N THR E 441 -3.71 -17.50 27.33
CA THR E 441 -4.00 -18.91 27.41
C THR E 441 -4.80 -19.64 26.35
N ARG E 442 -5.44 -18.88 25.47
CA ARG E 442 -6.24 -19.46 24.41
C ARG E 442 -6.47 -18.48 23.33
N ASN E 443 -6.51 -18.95 22.08
CA ASN E 443 -6.78 -18.06 20.95
C ASN E 443 -8.01 -17.19 21.22
N VAL E 444 -7.93 -15.92 20.84
CA VAL E 444 -9.02 -15.00 21.10
C VAL E 444 -9.37 -14.12 19.90
N ILE E 445 -10.67 -13.91 19.66
CA ILE E 445 -11.11 -13.07 18.57
C ILE E 445 -11.54 -11.78 19.21
N VAL E 446 -11.01 -10.67 18.71
CA VAL E 446 -11.30 -9.34 19.21
C VAL E 446 -12.12 -8.51 18.22
N HIS E 447 -13.38 -8.28 18.56
CA HIS E 447 -14.23 -7.45 17.69
C HIS E 447 -14.12 -5.97 18.10
N LYS E 448 -13.84 -5.09 17.15
CA LYS E 448 -13.75 -3.67 17.46
C LYS E 448 -14.89 -2.96 16.75
N LEU E 449 -15.85 -2.42 17.53
CA LEU E 449 -17.02 -1.72 16.96
C LEU E 449 -16.79 -0.28 16.48
N ILE E 450 -17.15 0.03 15.26
CA ILE E 450 -17.01 1.41 14.80
C ILE E 450 -18.23 1.82 14.01
N SER E 451 -18.82 2.95 14.44
CA SER E 451 -20.02 3.51 13.84
C SER E 451 -19.67 4.14 12.52
N VAL E 452 -20.28 3.66 11.44
CA VAL E 452 -20.01 4.18 10.10
C VAL E 452 -20.38 5.65 9.93
N GLY E 453 -19.47 6.44 9.36
CA GLY E 453 -19.76 7.85 9.15
C GLY E 453 -19.50 8.78 10.34
N THR E 454 -19.42 8.21 11.53
CA THR E 454 -19.18 8.97 12.75
C THR E 454 -17.70 9.41 12.89
N LEU E 455 -17.31 9.90 14.05
CA LEU E 455 -15.93 10.30 14.20
C LEU E 455 -15.09 9.04 14.43
N GLU E 456 -15.79 7.96 14.71
CA GLU E 456 -15.21 6.65 15.00
C GLU E 456 -14.52 5.99 13.81
N GLU E 457 -15.08 6.15 12.63
CA GLU E 457 -14.49 5.55 11.45
C GLU E 457 -13.44 6.46 10.90
N LYS E 458 -13.73 7.77 10.90
CA LYS E 458 -12.80 8.77 10.37
C LYS E 458 -11.51 8.91 11.20
N ILE E 459 -11.58 8.63 12.49
CA ILE E 459 -10.39 8.71 13.31
C ILE E 459 -9.48 7.52 13.07
N ASP E 460 -10.02 6.42 12.57
CA ASP E 460 -9.18 5.26 12.21
C ASP E 460 -8.48 5.70 10.90
N GLN E 461 -9.25 6.32 10.00
CA GLN E 461 -8.71 6.80 8.74
C GLN E 461 -7.49 7.72 9.01
N LEU E 462 -7.08 7.82 10.27
CA LEU E 462 -5.94 8.65 10.61
C LEU E 462 -4.92 7.86 11.41
N LEU E 463 -5.40 6.85 12.13
CA LEU E 463 -4.54 5.98 12.93
C LEU E 463 -3.90 5.01 11.95
N ALA E 464 -4.65 4.72 10.88
CA ALA E 464 -4.21 3.83 9.82
C ALA E 464 -3.57 4.71 8.74
N PHE E 465 -3.79 6.01 8.85
CA PHE E 465 -3.23 6.96 7.90
C PHE E 465 -1.73 6.92 8.00
N LYS E 466 -1.24 6.60 9.19
CA LYS E 466 0.18 6.52 9.41
C LYS E 466 0.45 6.31 10.89
N ARG E 467 1.59 5.68 11.17
CA ARG E 467 2.03 5.45 12.54
C ARG E 467 3.53 5.74 12.60
N SER E 468 3.93 6.72 11.78
CA SER E 468 5.31 7.20 11.68
C SER E 468 5.28 8.70 11.95
N LEU E 469 4.15 9.32 11.58
CA LEU E 469 3.92 10.76 11.77
C LEU E 469 2.57 10.95 12.50
N PHE E 470 1.78 9.87 12.53
CA PHE E 470 0.47 9.85 13.18
C PHE E 470 0.44 8.76 14.25
N LYS E 471 1.10 9.05 15.37
CA LYS E 471 1.18 8.10 16.48
C LYS E 471 1.84 8.72 17.72
N ASP E 472 2.70 9.72 17.51
CA ASP E 472 3.41 10.39 18.60
C ASP E 472 2.59 11.36 19.46
N ILE E 473 1.98 12.36 18.81
CA ILE E 473 1.18 13.33 19.54
C ILE E 473 -0.22 12.79 19.81
N ILE E 474 -0.58 11.70 19.13
CA ILE E 474 -1.91 11.09 19.32
C ILE E 474 -1.98 10.31 20.63
N SER E 475 -0.81 10.02 21.20
CA SER E 475 -0.72 9.31 22.47
C SER E 475 -1.17 10.30 23.56
N SER E 476 -1.07 11.58 23.21
CA SER E 476 -1.45 12.67 24.10
C SER E 476 -2.98 12.72 24.20
N GLY E 477 -3.59 11.60 24.52
CA GLY E 477 -5.03 11.53 24.62
C GLY E 477 -5.65 11.86 23.27
N ASP E 478 -6.69 12.70 23.31
CA ASP E 478 -7.39 13.13 22.09
C ASP E 478 -7.17 14.64 21.92
N SER E 479 -6.36 15.21 22.80
CA SER E 479 -6.06 16.63 22.74
C SER E 479 -5.62 17.02 21.34
N TRP E 480 -4.97 16.11 20.62
CA TRP E 480 -4.50 16.40 19.29
C TRP E 480 -5.59 16.85 18.35
N ILE E 481 -6.82 16.43 18.64
CA ILE E 481 -7.98 16.77 17.82
C ILE E 481 -8.46 18.18 18.09
N THR E 482 -8.25 18.64 19.32
CA THR E 482 -8.66 19.99 19.73
C THR E 482 -7.81 21.10 19.10
N GLU E 483 -6.77 20.73 18.36
CA GLU E 483 -5.86 21.68 17.72
C GLU E 483 -6.02 21.65 16.20
N LEU E 484 -6.62 20.58 15.70
CA LEU E 484 -6.82 20.34 14.27
C LEU E 484 -6.96 21.55 13.40
N SER E 485 -8.19 22.02 13.25
CA SER E 485 -8.49 23.16 12.39
C SER E 485 -9.96 23.09 12.06
N THR E 486 -10.69 24.15 12.39
CA THR E 486 -12.11 24.21 12.12
C THR E 486 -12.59 23.52 10.82
N GLU E 487 -11.84 23.65 9.72
CA GLU E 487 -12.29 22.97 8.49
C GLU E 487 -12.02 21.46 8.58
N GLU E 488 -10.82 21.08 9.01
CA GLU E 488 -10.43 19.67 9.14
C GLU E 488 -11.22 18.97 10.22
N LEU E 489 -11.50 19.69 11.29
CA LEU E 489 -12.26 19.16 12.40
C LEU E 489 -13.62 18.79 11.88
N ARG E 490 -14.17 19.61 11.00
CA ARG E 490 -15.49 19.35 10.41
C ARG E 490 -15.53 18.05 9.60
N LYS E 491 -14.50 17.79 8.81
CA LYS E 491 -14.48 16.57 8.01
C LYS E 491 -14.37 15.35 8.92
N VAL E 492 -13.64 15.50 10.02
CA VAL E 492 -13.44 14.41 10.94
C VAL E 492 -14.59 14.06 11.87
N ILE E 493 -15.22 15.05 12.50
CA ILE E 493 -16.32 14.76 13.42
C ILE E 493 -17.72 14.76 12.81
N GLU E 494 -17.91 15.53 11.76
CA GLU E 494 -19.19 15.61 11.08
C GLU E 494 -19.60 14.26 10.49
N LEU E 495 -20.89 13.97 10.59
CA LEU E 495 -21.44 12.71 10.10
C LEU E 495 -21.33 12.59 8.59
N SER E 496 -20.70 11.51 8.14
CA SER E 496 -20.51 11.26 6.71
C SER E 496 -21.54 10.30 6.18
N VAL E 497 -21.64 10.22 4.87
CA VAL E 497 -22.60 9.30 4.25
C VAL E 497 -21.87 8.00 3.81
N PHE F 26 -10.07 19.11 -25.51
CA PHE F 26 -9.10 18.89 -24.37
C PHE F 26 -9.87 18.89 -23.05
N GLN F 27 -9.25 18.34 -22.01
CA GLN F 27 -9.87 18.30 -20.71
C GLN F 27 -8.91 17.67 -19.71
N LEU F 28 -8.87 18.19 -18.49
CA LEU F 28 -7.98 17.65 -17.48
C LEU F 28 -8.57 16.41 -16.85
N LEU F 29 -7.94 15.27 -17.08
CA LEU F 29 -8.44 14.03 -16.51
C LEU F 29 -8.23 14.02 -15.00
N GLU F 30 -8.64 12.92 -14.39
CA GLU F 30 -8.51 12.77 -12.95
C GLU F 30 -7.54 11.64 -12.65
N PRO F 31 -6.47 11.91 -11.88
CA PRO F 31 -5.56 10.80 -11.61
C PRO F 31 -6.43 9.65 -11.15
N TYR F 32 -6.32 8.55 -11.87
CA TYR F 32 -7.10 7.36 -11.58
C TYR F 32 -6.80 6.80 -10.20
N ASN F 33 -6.27 5.59 -10.14
CA ASN F 33 -5.99 5.01 -8.85
C ASN F 33 -4.56 5.24 -8.44
N ILE F 34 -4.02 6.38 -8.86
CA ILE F 34 -2.65 6.70 -8.50
C ILE F 34 -2.59 6.97 -7.01
N LYS F 35 -1.61 6.35 -6.38
CA LYS F 35 -1.39 6.43 -4.96
C LYS F 35 -0.59 7.68 -4.54
N ALA F 36 -0.93 8.85 -5.08
CA ALA F 36 -0.20 10.08 -4.75
C ALA F 36 -0.91 11.38 -5.23
N ASN F 37 -0.48 12.55 -4.78
CA ASN F 37 -1.15 13.79 -5.20
C ASN F 37 -0.39 14.50 -6.29
N LEU F 38 -0.89 14.43 -7.52
CA LEU F 38 -0.22 15.09 -8.63
C LEU F 38 -0.34 16.63 -8.66
N ARG F 39 0.79 17.33 -8.59
CA ARG F 39 0.78 18.78 -8.64
C ARG F 39 0.15 19.18 -9.98
N PRO F 40 -0.44 20.38 -10.05
CA PRO F 40 -1.11 20.94 -11.23
C PRO F 40 -0.46 20.64 -12.58
N TYR F 41 0.83 20.92 -12.70
CA TYR F 41 1.53 20.70 -13.97
C TYR F 41 1.60 19.22 -14.38
N GLN F 42 1.58 18.34 -13.39
CA GLN F 42 1.64 16.93 -13.66
C GLN F 42 0.27 16.47 -14.05
N ILE F 43 -0.75 17.20 -13.59
CA ILE F 43 -2.12 16.86 -13.93
C ILE F 43 -2.43 17.46 -15.30
N LYS F 44 -1.57 18.33 -15.80
CA LYS F 44 -1.84 18.90 -17.09
C LYS F 44 -0.99 18.24 -18.12
N GLY F 45 0.14 17.70 -17.68
CA GLY F 45 1.02 17.05 -18.63
C GLY F 45 0.54 15.64 -18.86
N PHE F 46 0.01 15.04 -17.80
CA PHE F 46 -0.51 13.68 -17.87
C PHE F 46 -1.75 13.66 -18.75
N SER F 47 -2.66 14.63 -18.54
CA SER F 47 -3.85 14.69 -19.37
C SER F 47 -3.56 15.21 -20.78
N TRP F 48 -2.50 15.99 -20.96
CA TRP F 48 -2.20 16.45 -22.30
C TRP F 48 -1.64 15.27 -23.06
N MSE F 49 -0.93 14.40 -22.35
CA MSE F 49 -0.34 13.25 -23.01
C MSE F 49 -1.41 12.28 -23.50
O MSE F 49 -1.40 11.84 -24.66
CB MSE F 49 0.61 12.53 -22.07
CG MSE F 49 1.96 13.17 -22.00
SE MSE F 49 3.15 11.93 -21.17
CE MSE F 49 2.49 12.08 -19.33
N ARG F 50 -2.34 11.97 -22.61
CA ARG F 50 -3.44 11.06 -22.92
C ARG F 50 -4.27 11.59 -24.08
N PHE F 51 -4.76 12.82 -23.93
CA PHE F 51 -5.54 13.48 -24.96
C PHE F 51 -4.98 13.24 -26.38
N MSE F 52 -3.69 13.44 -26.55
CA MSE F 52 -3.03 13.26 -27.83
C MSE F 52 -2.97 11.79 -28.21
O MSE F 52 -3.08 11.44 -29.39
CB MSE F 52 -1.61 13.83 -27.78
CG MSE F 52 -1.50 15.31 -27.48
SE MSE F 52 -2.17 16.45 -28.91
CE MSE F 52 -0.51 16.74 -29.91
N ASN F 53 -2.75 10.93 -27.22
CA ASN F 53 -2.65 9.52 -27.50
C ASN F 53 -3.97 9.04 -28.03
N LYS F 54 -5.05 9.48 -27.37
CA LYS F 54 -6.38 9.10 -27.79
C LYS F 54 -6.68 9.67 -29.18
N LEU F 55 -6.13 10.83 -29.51
CA LEU F 55 -6.34 11.40 -30.85
C LEU F 55 -5.32 10.80 -31.78
N GLY F 56 -4.70 9.72 -31.34
CA GLY F 56 -3.71 9.01 -32.12
C GLY F 56 -2.45 9.73 -32.54
N PHE F 57 -1.63 10.13 -31.57
CA PHE F 57 -0.37 10.81 -31.86
C PHE F 57 0.74 10.39 -30.91
N GLY F 58 1.97 10.48 -31.39
CA GLY F 58 3.11 10.13 -30.56
C GLY F 58 3.66 11.42 -30.01
N ILE F 59 3.56 11.59 -28.70
CA ILE F 59 4.05 12.81 -28.06
C ILE F 59 5.38 12.61 -27.35
N CYS F 60 5.98 13.68 -26.84
CA CYS F 60 7.26 13.61 -26.11
C CYS F 60 7.25 14.47 -24.87
N LEU F 61 7.39 13.88 -23.69
CA LEU F 61 7.41 14.68 -22.47
C LEU F 61 8.86 14.98 -22.15
N ALA F 62 9.19 16.27 -22.22
CA ALA F 62 10.55 16.76 -21.99
C ALA F 62 10.84 17.64 -20.75
N ASP F 63 9.98 17.57 -19.73
CA ASP F 63 10.16 18.34 -18.50
C ASP F 63 11.55 18.06 -17.90
N ASP F 64 11.99 18.89 -16.96
CA ASP F 64 13.29 18.69 -16.31
C ASP F 64 13.19 17.54 -15.38
N MSE F 65 14.27 16.78 -15.27
CA MSE F 65 14.29 15.68 -14.33
C MSE F 65 13.95 16.48 -13.10
O MSE F 65 14.34 17.64 -12.98
CB MSE F 65 15.70 15.06 -14.25
CG MSE F 65 15.82 13.81 -13.33
SE MSE F 65 16.50 14.15 -11.47
CE MSE F 65 14.95 13.72 -10.39
N GLY F 66 13.16 15.93 -12.18
CA GLY F 66 12.81 16.72 -11.03
C GLY F 66 11.33 17.01 -11.11
N LEU F 67 10.80 17.04 -12.32
CA LEU F 67 9.37 17.30 -12.46
C LEU F 67 8.54 16.01 -12.40
N GLY F 68 9.23 14.87 -12.41
CA GLY F 68 8.56 13.59 -12.31
C GLY F 68 7.86 13.02 -13.53
N LYS F 69 8.54 13.00 -14.66
CA LYS F 69 7.93 12.44 -15.82
C LYS F 69 7.42 11.06 -15.46
N THR F 70 8.24 10.22 -14.84
CA THR F 70 7.79 8.87 -14.49
C THR F 70 6.35 8.79 -13.94
N LEU F 71 6.09 9.46 -12.82
CA LEU F 71 4.76 9.46 -12.18
C LEU F 71 3.71 9.79 -13.24
N GLN F 72 3.85 10.95 -13.85
CA GLN F 72 2.95 11.36 -14.90
C GLN F 72 2.77 10.17 -15.86
N THR F 73 3.87 9.68 -16.41
CA THR F 73 3.80 8.57 -17.33
C THR F 73 3.02 7.41 -16.72
N ILE F 74 2.98 7.31 -15.40
CA ILE F 74 2.24 6.23 -14.74
C ILE F 74 0.76 6.56 -14.64
N ALA F 75 0.46 7.85 -14.45
CA ALA F 75 -0.92 8.32 -14.34
C ALA F 75 -1.59 7.99 -15.67
N VAL F 76 -0.83 8.16 -16.75
CA VAL F 76 -1.30 7.85 -18.08
C VAL F 76 -1.67 6.36 -18.01
N PHE F 77 -0.67 5.53 -17.77
CA PHE F 77 -0.87 4.10 -17.65
C PHE F 77 -2.13 3.75 -16.87
N SER F 78 -2.28 4.33 -15.69
CA SER F 78 -3.44 4.01 -14.89
C SER F 78 -4.72 4.31 -15.63
N ASP F 79 -4.82 5.49 -16.22
CA ASP F 79 -6.05 5.84 -16.95
C ASP F 79 -6.21 4.99 -18.18
N ALA F 80 -5.14 4.86 -18.96
CA ALA F 80 -5.19 4.05 -20.16
C ALA F 80 -5.65 2.64 -19.81
N LYS F 81 -5.53 2.27 -18.53
CA LYS F 81 -5.94 0.95 -18.11
C LYS F 81 -7.45 0.85 -17.92
N LYS F 82 -8.06 1.83 -17.26
CA LYS F 82 -9.49 1.77 -17.05
C LYS F 82 -10.23 1.83 -18.39
N GLU F 83 -9.70 2.57 -19.35
CA GLU F 83 -10.33 2.62 -20.66
C GLU F 83 -9.98 1.36 -21.43
N ASN F 84 -9.31 0.42 -20.75
CA ASN F 84 -8.89 -0.85 -21.36
C ASN F 84 -7.89 -0.71 -22.51
N GLU F 85 -7.01 0.29 -22.45
CA GLU F 85 -6.03 0.49 -23.52
C GLU F 85 -4.59 0.27 -23.05
N LEU F 86 -4.38 -0.25 -21.84
CA LEU F 86 -3.01 -0.47 -21.36
C LEU F 86 -2.41 -1.83 -21.72
N THR F 87 -2.87 -2.87 -21.03
CA THR F 87 -2.40 -4.23 -21.26
C THR F 87 -2.43 -4.64 -22.73
N PRO F 88 -1.27 -4.96 -23.30
CA PRO F 88 0.02 -4.93 -22.61
C PRO F 88 0.88 -3.81 -23.18
N SER F 89 1.53 -3.06 -22.28
CA SER F 89 2.41 -1.98 -22.74
C SER F 89 3.87 -2.26 -22.32
N LEU F 90 4.79 -1.67 -23.08
CA LEU F 90 6.24 -1.81 -22.87
C LEU F 90 6.94 -0.47 -22.53
N VAL F 91 7.87 -0.52 -21.59
CA VAL F 91 8.65 0.64 -21.20
C VAL F 91 10.08 0.22 -21.45
N ILE F 92 10.81 1.01 -22.23
CA ILE F 92 12.22 0.70 -22.51
C ILE F 92 13.12 1.74 -21.84
N CYS F 93 13.90 1.35 -20.85
CA CYS F 93 14.72 2.36 -20.20
C CYS F 93 16.13 1.92 -19.95
N PRO F 94 17.00 2.88 -19.58
CA PRO F 94 18.40 2.66 -19.28
C PRO F 94 18.51 1.72 -18.09
N LEU F 95 19.56 0.92 -18.06
CA LEU F 95 19.73 -0.01 -16.96
C LEU F 95 19.71 0.73 -15.62
N SER F 96 20.33 1.91 -15.65
CA SER F 96 20.46 2.80 -14.51
C SER F 96 19.16 2.88 -13.79
N VAL F 97 18.11 3.29 -14.51
CA VAL F 97 16.80 3.45 -13.90
C VAL F 97 15.79 2.28 -13.86
N LEU F 98 16.23 1.02 -13.95
CA LEU F 98 15.26 -0.05 -13.90
C LEU F 98 14.51 -0.17 -12.57
N LYS F 99 15.23 -0.20 -11.46
CA LYS F 99 14.51 -0.32 -10.18
C LYS F 99 13.76 0.96 -9.88
N ASN F 100 14.08 2.02 -10.61
CA ASN F 100 13.37 3.26 -10.39
C ASN F 100 11.92 3.11 -10.83
N TRP F 101 11.69 2.61 -12.05
CA TRP F 101 10.33 2.36 -12.50
C TRP F 101 9.72 1.26 -11.59
N GLU F 102 10.45 0.18 -11.36
CA GLU F 102 9.95 -0.87 -10.51
C GLU F 102 9.29 -0.22 -9.31
N GLU F 103 10.08 0.51 -8.54
CA GLU F 103 9.58 1.17 -7.35
C GLU F 103 8.42 2.11 -7.54
N GLU F 104 8.59 3.07 -8.44
CA GLU F 104 7.54 4.02 -8.67
C GLU F 104 6.27 3.34 -9.14
N LEU F 105 6.40 2.30 -9.96
CA LEU F 105 5.20 1.61 -10.40
C LEU F 105 4.43 1.02 -9.22
N SER F 106 5.04 0.09 -8.51
CA SER F 106 4.38 -0.56 -7.38
C SER F 106 3.92 0.33 -6.20
N LYS F 107 4.51 1.50 -6.02
CA LYS F 107 4.10 2.38 -4.94
C LYS F 107 2.95 3.30 -5.35
N PHE F 108 3.06 3.88 -6.55
CA PHE F 108 2.02 4.77 -7.07
C PHE F 108 0.86 4.06 -7.78
N ALA F 109 1.07 2.83 -8.21
CA ALA F 109 0.01 2.09 -8.88
C ALA F 109 0.03 0.65 -8.44
N PRO F 110 -0.25 0.40 -7.17
CA PRO F 110 -0.26 -0.98 -6.69
C PRO F 110 -1.15 -1.84 -7.57
N HIS F 111 -2.19 -1.24 -8.12
CA HIS F 111 -3.12 -1.96 -8.96
C HIS F 111 -2.61 -2.41 -10.34
N LEU F 112 -1.48 -1.88 -10.82
CA LEU F 112 -0.95 -2.25 -12.12
C LEU F 112 0.04 -3.39 -12.01
N ARG F 113 -0.10 -4.38 -12.89
CA ARG F 113 0.73 -5.60 -12.91
C ARG F 113 1.88 -5.45 -13.89
N PHE F 114 3.10 -5.59 -13.40
CA PHE F 114 4.27 -5.46 -14.28
C PHE F 114 5.30 -6.52 -14.06
N ALA F 115 6.18 -6.64 -15.04
CA ALA F 115 7.26 -7.62 -14.99
C ALA F 115 8.58 -7.02 -15.47
N VAL F 116 9.66 -7.42 -14.82
CA VAL F 116 10.95 -6.93 -15.23
C VAL F 116 11.54 -7.95 -16.18
N PHE F 117 11.87 -7.50 -17.39
CA PHE F 117 12.40 -8.35 -18.43
C PHE F 117 13.91 -8.20 -18.57
N HIS F 118 14.66 -8.80 -17.67
CA HIS F 118 16.10 -8.65 -17.72
C HIS F 118 16.91 -9.94 -17.71
N GLU F 119 16.66 -10.77 -16.73
CA GLU F 119 17.38 -12.02 -16.60
C GLU F 119 16.38 -13.15 -16.50
N ASP F 120 16.77 -14.35 -16.97
CA ASP F 120 15.85 -15.48 -16.98
C ASP F 120 14.56 -15.03 -17.66
N ARG F 121 14.71 -14.28 -18.73
CA ARG F 121 13.60 -13.75 -19.51
C ARG F 121 12.76 -14.83 -20.16
N SER F 122 13.11 -16.09 -19.92
CA SER F 122 12.36 -17.18 -20.52
C SER F 122 11.27 -17.65 -19.58
N LYS F 123 11.41 -17.26 -18.32
CA LYS F 123 10.44 -17.61 -17.29
C LYS F 123 9.35 -16.52 -17.29
N ILE F 124 9.39 -15.64 -18.28
CA ILE F 124 8.43 -14.56 -18.34
C ILE F 124 7.55 -14.62 -19.56
N LYS F 125 6.25 -14.65 -19.34
CA LYS F 125 5.31 -14.65 -20.46
C LYS F 125 4.81 -13.22 -20.61
N LEU F 126 5.17 -12.57 -21.71
CA LEU F 126 4.78 -11.19 -21.93
C LEU F 126 3.31 -10.89 -21.62
N GLU F 127 2.44 -11.15 -22.58
CA GLU F 127 0.98 -10.94 -22.47
C GLU F 127 0.27 -11.03 -21.11
N ASP F 128 0.82 -11.73 -20.14
CA ASP F 128 0.15 -11.87 -18.83
C ASP F 128 0.46 -10.77 -17.81
N TYR F 129 0.98 -9.64 -18.30
CA TYR F 129 1.29 -8.49 -17.46
C TYR F 129 0.80 -7.26 -18.19
N ASP F 130 0.38 -6.25 -17.44
CA ASP F 130 -0.08 -5.00 -18.03
C ASP F 130 1.08 -4.28 -18.70
N ILE F 131 2.17 -4.20 -17.94
CA ILE F 131 3.39 -3.53 -18.36
C ILE F 131 4.62 -4.46 -18.27
N ILE F 132 5.58 -4.21 -19.15
CA ILE F 132 6.85 -4.94 -19.14
C ILE F 132 8.00 -3.93 -19.24
N LEU F 133 8.95 -4.02 -18.31
CA LEU F 133 10.08 -3.11 -18.29
C LEU F 133 11.34 -3.73 -18.90
N THR F 134 11.96 -3.12 -19.91
CA THR F 134 13.18 -3.68 -20.49
C THR F 134 14.29 -2.66 -20.62
N THR F 135 15.33 -3.06 -21.35
CA THR F 135 16.51 -2.25 -21.53
C THR F 135 16.84 -2.11 -23.00
N TYR F 136 17.33 -0.95 -23.42
CA TYR F 136 17.70 -0.72 -24.81
C TYR F 136 18.59 -1.89 -25.20
N ALA F 137 19.41 -2.29 -24.24
CA ALA F 137 20.36 -3.40 -24.40
C ALA F 137 19.67 -4.69 -24.80
N VAL F 138 18.68 -5.07 -24.00
CA VAL F 138 17.92 -6.28 -24.20
C VAL F 138 17.11 -6.27 -25.49
N LEU F 139 16.62 -5.10 -25.89
CA LEU F 139 15.82 -5.02 -27.09
C LEU F 139 16.66 -5.44 -28.28
N LEU F 140 17.96 -5.20 -28.18
CA LEU F 140 18.90 -5.55 -29.23
C LEU F 140 19.22 -7.01 -29.27
N ARG F 141 18.68 -7.79 -28.32
CA ARG F 141 18.97 -9.22 -28.27
C ARG F 141 17.75 -10.08 -27.92
N ASP F 142 16.58 -9.67 -28.37
CA ASP F 142 15.39 -10.45 -28.06
C ASP F 142 14.22 -10.18 -29.01
N THR F 143 13.87 -11.23 -29.74
CA THR F 143 12.81 -11.19 -30.73
C THR F 143 11.40 -11.17 -30.16
N ARG F 144 11.22 -11.89 -29.07
CA ARG F 144 9.92 -11.97 -28.42
C ARG F 144 9.30 -10.58 -28.34
N LEU F 145 10.08 -9.60 -27.91
CA LEU F 145 9.58 -8.24 -27.83
C LEU F 145 9.18 -7.80 -29.23
N LYS F 146 10.14 -7.91 -30.13
CA LYS F 146 9.98 -7.53 -31.54
C LYS F 146 8.63 -7.80 -32.15
N GLU F 147 7.99 -8.88 -31.73
CA GLU F 147 6.70 -9.31 -32.29
C GLU F 147 5.45 -9.24 -31.41
N VAL F 148 5.19 -8.12 -30.74
CA VAL F 148 4.00 -8.03 -29.90
C VAL F 148 3.10 -6.87 -30.29
N GLU F 149 1.81 -7.01 -29.97
CA GLU F 149 0.84 -5.95 -30.25
C GLU F 149 0.81 -5.12 -28.98
N TRP F 150 1.64 -4.07 -28.97
CA TRP F 150 1.73 -3.21 -27.80
C TRP F 150 0.78 -2.01 -27.82
N LYS F 151 0.08 -1.84 -26.71
CA LYS F 151 -0.83 -0.72 -26.53
C LYS F 151 0.10 0.48 -26.42
N TYR F 152 0.81 0.60 -25.29
CA TYR F 152 1.78 1.68 -25.07
C TYR F 152 3.26 1.23 -25.20
N ILE F 153 4.09 2.16 -25.66
CA ILE F 153 5.53 1.94 -25.76
C ILE F 153 6.19 3.26 -25.39
N VAL F 154 6.82 3.25 -24.21
CA VAL F 154 7.47 4.40 -23.68
C VAL F 154 8.96 4.20 -23.75
N ILE F 155 9.62 5.11 -24.47
CA ILE F 155 11.08 5.16 -24.60
C ILE F 155 11.53 6.12 -23.46
N ASP F 156 12.18 5.61 -22.43
CA ASP F 156 12.60 6.46 -21.34
C ASP F 156 13.99 6.92 -21.60
N GLU F 157 14.20 8.24 -21.56
CA GLU F 157 15.49 8.85 -21.82
C GLU F 157 15.79 8.58 -23.30
N ALA F 158 14.90 9.08 -24.14
CA ALA F 158 14.95 8.93 -25.58
C ALA F 158 16.27 9.32 -26.26
N GLN F 159 17.10 10.11 -25.60
CA GLN F 159 18.38 10.50 -26.18
C GLN F 159 19.12 9.25 -26.68
N ASN F 160 18.78 8.09 -26.10
CA ASN F 160 19.39 6.83 -26.49
C ASN F 160 19.00 6.45 -27.90
N ILE F 161 18.54 7.42 -28.69
CA ILE F 161 18.13 7.08 -30.03
C ILE F 161 18.55 8.11 -31.09
N LYS F 162 19.21 9.18 -30.65
CA LYS F 162 19.67 10.27 -31.52
C LYS F 162 20.07 9.77 -32.90
N ASN F 163 21.15 8.97 -32.93
CA ASN F 163 21.69 8.44 -34.16
C ASN F 163 20.86 7.34 -34.76
N PRO F 164 20.05 7.67 -35.78
CA PRO F 164 19.16 6.75 -36.47
C PRO F 164 20.00 5.68 -37.15
N GLN F 165 21.30 5.89 -37.10
CA GLN F 165 22.24 4.94 -37.68
C GLN F 165 22.48 3.84 -36.64
N THR F 166 22.24 4.15 -35.36
CA THR F 166 22.42 3.17 -34.31
C THR F 166 21.53 1.99 -34.65
N LYS F 167 21.75 0.86 -33.98
CA LYS F 167 20.94 -0.34 -34.20
C LYS F 167 19.69 -0.31 -33.35
N ILE F 168 19.78 0.37 -32.20
CA ILE F 168 18.66 0.46 -31.30
C ILE F 168 17.59 1.29 -31.96
N PHE F 169 17.99 2.23 -32.80
CA PHE F 169 16.97 3.02 -33.44
C PHE F 169 16.23 2.03 -34.32
N LYS F 170 17.02 1.33 -35.13
CA LYS F 170 16.52 0.33 -36.05
C LYS F 170 15.59 -0.60 -35.29
N ALA F 171 16.10 -1.18 -34.21
CA ALA F 171 15.34 -2.13 -33.42
C ALA F 171 14.06 -1.57 -32.81
N VAL F 172 14.07 -0.28 -32.50
CA VAL F 172 12.93 0.36 -31.89
C VAL F 172 11.87 0.79 -32.88
N LYS F 173 12.26 1.18 -34.08
CA LYS F 173 11.28 1.61 -35.06
C LYS F 173 10.45 0.41 -35.53
N GLU F 174 11.08 -0.76 -35.55
CA GLU F 174 10.46 -1.99 -35.98
C GLU F 174 9.38 -2.51 -35.02
N LEU F 175 9.19 -1.86 -33.88
CA LEU F 175 8.19 -2.32 -32.89
C LEU F 175 6.79 -1.86 -33.25
N LYS F 176 5.79 -2.60 -32.79
CA LYS F 176 4.40 -2.27 -33.09
C LYS F 176 3.66 -1.66 -31.89
N SER F 177 3.10 -0.46 -32.09
CA SER F 177 2.42 0.23 -30.98
C SER F 177 1.19 1.08 -31.30
N LYS F 178 0.23 1.05 -30.39
CA LYS F 178 -0.99 1.83 -30.56
C LYS F 178 -0.76 3.25 -30.03
N TYR F 179 0.05 3.34 -28.98
CA TYR F 179 0.38 4.62 -28.34
C TYR F 179 1.85 4.71 -27.93
N ARG F 180 2.45 5.88 -28.19
CA ARG F 180 3.84 6.10 -27.87
C ARG F 180 4.12 7.38 -27.08
N ILE F 181 5.19 7.33 -26.29
CA ILE F 181 5.61 8.42 -25.46
C ILE F 181 7.13 8.40 -25.36
N ALA F 182 7.79 9.46 -25.83
CA ALA F 182 9.24 9.54 -25.70
C ALA F 182 9.46 10.52 -24.55
N LEU F 183 10.14 10.04 -23.52
CA LEU F 183 10.48 10.84 -22.35
C LEU F 183 11.95 11.26 -22.46
N THR F 184 12.23 12.54 -22.30
CA THR F 184 13.62 12.98 -22.35
C THR F 184 13.81 14.05 -21.31
N GLY F 185 15.06 14.24 -20.89
CA GLY F 185 15.35 15.24 -19.89
C GLY F 185 15.71 16.55 -20.56
N THR F 186 16.58 16.47 -21.57
CA THR F 186 17.05 17.62 -22.31
C THR F 186 16.10 18.15 -23.36
N PRO F 187 16.23 19.43 -23.70
CA PRO F 187 15.37 20.04 -24.72
C PRO F 187 15.72 19.51 -26.10
N ILE F 188 14.72 19.04 -26.84
CA ILE F 188 14.98 18.53 -28.17
C ILE F 188 14.77 19.66 -29.14
N GLU F 189 13.93 20.61 -28.75
CA GLU F 189 13.64 21.74 -29.62
C GLU F 189 14.88 22.50 -30.06
N ASN F 190 16.02 22.19 -29.43
CA ASN F 190 17.27 22.88 -29.77
C ASN F 190 18.50 22.09 -30.25
N LYS F 191 18.30 20.81 -30.51
CA LYS F 191 19.34 19.90 -30.96
C LYS F 191 18.86 19.27 -32.25
N VAL F 192 18.94 20.01 -33.35
CA VAL F 192 18.48 19.52 -34.65
C VAL F 192 18.73 18.06 -35.00
N ASP F 193 19.97 17.62 -34.82
CA ASP F 193 20.32 16.24 -35.15
C ASP F 193 19.51 15.16 -34.37
N ASP F 194 19.30 15.42 -33.07
CA ASP F 194 18.60 14.47 -32.22
C ASP F 194 17.08 14.37 -32.43
N LEU F 195 16.48 15.48 -32.85
CA LEU F 195 15.06 15.59 -33.11
C LEU F 195 14.44 14.51 -33.98
N TRP F 196 15.04 14.26 -35.15
CA TRP F 196 14.50 13.31 -36.11
C TRP F 196 14.09 11.97 -35.55
N SER F 197 15.05 11.14 -35.17
CA SER F 197 14.74 9.82 -34.65
C SER F 197 13.57 9.82 -33.64
N ILE F 198 13.71 10.57 -32.56
CA ILE F 198 12.65 10.63 -31.54
C ILE F 198 11.31 11.03 -32.13
N MSE F 199 11.36 12.02 -33.01
CA MSE F 199 10.18 12.53 -33.67
C MSE F 199 9.54 11.49 -34.59
O MSE F 199 8.33 11.20 -34.48
CB MSE F 199 10.53 13.78 -34.49
CG MSE F 199 10.65 15.05 -33.69
SE MSE F 199 9.09 15.31 -32.53
CE MSE F 199 7.69 14.38 -33.51
N THR F 200 10.36 10.96 -35.51
CA THR F 200 9.95 9.97 -36.48
C THR F 200 9.45 8.70 -35.81
N PHE F 201 9.99 8.38 -34.65
CA PHE F 201 9.54 7.20 -33.91
C PHE F 201 8.12 7.46 -33.39
N LEU F 202 7.91 8.68 -32.93
CA LEU F 202 6.63 9.08 -32.37
C LEU F 202 5.54 9.13 -33.42
N ASN F 203 5.88 9.73 -34.56
CA ASN F 203 4.94 9.87 -35.67
C ASN F 203 5.74 9.73 -36.96
N PRO F 204 5.86 8.50 -37.47
CA PRO F 204 6.60 8.24 -38.70
C PRO F 204 6.20 9.12 -39.87
N GLY F 205 7.20 9.69 -40.54
CA GLY F 205 6.94 10.54 -41.68
C GLY F 205 6.94 12.03 -41.43
N LEU F 206 6.37 12.44 -40.31
CA LEU F 206 6.29 13.84 -39.95
C LEU F 206 7.50 14.65 -40.47
N LEU F 207 8.65 14.02 -40.69
CA LEU F 207 9.81 14.74 -41.21
C LEU F 207 10.52 14.08 -42.38
N GLY F 208 9.86 13.12 -43.03
CA GLY F 208 10.45 12.43 -44.17
C GLY F 208 11.53 11.43 -43.80
N SER F 209 12.64 11.44 -44.53
CA SER F 209 13.74 10.52 -44.27
C SER F 209 14.88 11.30 -43.65
N TYR F 210 15.69 10.63 -42.83
CA TYR F 210 16.80 11.28 -42.20
C TYR F 210 17.70 11.99 -43.21
N SER F 211 17.69 11.52 -44.45
CA SER F 211 18.50 12.14 -45.50
C SER F 211 17.77 13.40 -45.98
N GLU F 212 16.51 13.20 -46.31
CA GLU F 212 15.63 14.27 -46.77
C GLU F 212 15.58 15.39 -45.73
N PHE F 213 15.24 15.02 -44.49
CA PHE F 213 15.17 15.95 -43.38
C PHE F 213 16.45 16.76 -43.28
N LYS F 214 17.58 16.06 -43.22
CA LYS F 214 18.88 16.69 -43.09
C LYS F 214 19.23 17.79 -44.10
N SER F 215 18.66 17.71 -45.30
CA SER F 215 18.95 18.71 -46.31
C SER F 215 17.72 19.55 -46.66
N LYS F 216 17.05 20.06 -45.63
CA LYS F 216 15.85 20.88 -45.78
C LYS F 216 15.67 21.63 -44.47
N PHE F 217 16.34 21.13 -43.43
CA PHE F 217 16.29 21.72 -42.09
C PHE F 217 17.66 21.72 -41.44
N ALA F 218 18.22 20.52 -41.28
CA ALA F 218 19.52 20.35 -40.65
C ALA F 218 20.61 21.29 -41.18
N THR F 219 21.33 20.87 -42.23
CA THR F 219 22.39 21.72 -42.76
C THR F 219 21.88 23.15 -42.85
N PRO F 220 20.65 23.33 -43.36
CA PRO F 220 20.07 24.68 -43.49
C PRO F 220 20.13 25.46 -42.17
N ILE F 221 19.45 24.94 -41.15
CA ILE F 221 19.43 25.56 -39.82
C ILE F 221 20.85 25.74 -39.29
N LYS F 222 21.63 24.67 -39.35
CA LYS F 222 23.00 24.68 -38.88
C LYS F 222 23.76 25.81 -39.57
N LYS F 223 23.61 25.88 -40.89
CA LYS F 223 24.29 26.88 -41.72
C LYS F 223 23.77 28.32 -41.49
N GLY F 224 23.07 28.52 -40.37
CA GLY F 224 22.51 29.81 -40.05
C GLY F 224 21.27 30.03 -40.89
N ASP F 225 20.10 29.80 -40.29
CA ASP F 225 18.86 29.97 -41.01
C ASP F 225 17.76 30.13 -40.00
N ASN F 226 16.83 31.05 -40.28
CA ASN F 226 15.73 31.27 -39.36
C ASN F 226 14.46 30.69 -39.91
N MSE F 227 14.22 30.93 -41.19
CA MSE F 227 13.03 30.43 -41.84
C MSE F 227 13.00 28.92 -41.73
O MSE F 227 11.95 28.29 -41.89
CB MSE F 227 13.01 30.87 -43.30
CG MSE F 227 13.01 32.39 -43.48
SE MSE F 227 11.45 33.33 -42.69
CE MSE F 227 12.06 33.54 -40.90
N ALA F 228 14.16 28.33 -41.43
CA ALA F 228 14.30 26.87 -41.29
C ALA F 228 13.78 26.43 -39.93
N LYS F 229 14.41 26.92 -38.88
CA LYS F 229 13.96 26.58 -37.55
C LYS F 229 12.48 26.91 -37.42
N GLU F 230 12.14 28.19 -37.48
CA GLU F 230 10.76 28.62 -37.35
C GLU F 230 9.80 27.58 -37.83
N GLU F 231 10.01 27.12 -39.07
CA GLU F 231 9.14 26.10 -39.65
C GLU F 231 9.31 24.77 -38.91
N LEU F 232 10.51 24.18 -38.98
CA LEU F 232 10.81 22.93 -38.31
C LEU F 232 10.20 22.89 -36.92
N LYS F 233 10.37 24.00 -36.21
CA LYS F 233 9.84 24.14 -34.87
C LYS F 233 8.33 23.93 -34.96
N ALA F 234 7.70 24.77 -35.76
CA ALA F 234 6.24 24.73 -35.95
C ALA F 234 5.64 23.34 -36.24
N ILE F 235 6.34 22.52 -37.01
CA ILE F 235 5.88 21.17 -37.36
C ILE F 235 5.91 20.22 -36.18
N ILE F 236 6.91 20.46 -35.32
CA ILE F 236 7.22 19.67 -34.13
C ILE F 236 6.51 20.10 -32.84
N SER F 237 6.67 21.37 -32.53
CA SER F 237 6.12 21.97 -31.32
C SER F 237 4.81 21.41 -30.75
N PRO F 238 3.89 20.96 -31.60
CA PRO F 238 2.64 20.44 -31.03
C PRO F 238 2.76 19.05 -30.46
N PHE F 239 3.95 18.47 -30.59
CA PHE F 239 4.20 17.13 -30.10
C PHE F 239 5.19 17.08 -28.97
N ILE F 240 5.78 18.24 -28.68
CA ILE F 240 6.76 18.40 -27.61
C ILE F 240 6.29 19.29 -26.46
N LEU F 241 6.14 18.73 -25.28
CA LEU F 241 5.75 19.55 -24.14
C LEU F 241 6.93 19.53 -23.15
N ARG F 242 7.44 20.70 -22.77
CA ARG F 242 8.57 20.78 -21.85
C ARG F 242 8.44 21.93 -20.86
N ARG F 243 8.76 21.67 -19.59
CA ARG F 243 8.65 22.70 -18.55
C ARG F 243 9.85 22.68 -17.57
N THR F 244 10.70 23.71 -17.61
CA THR F 244 11.89 23.78 -16.76
C THR F 244 11.54 23.96 -15.30
N LYS F 245 12.51 23.78 -14.43
CA LYS F 245 12.20 23.96 -13.01
C LYS F 245 11.99 25.43 -12.56
N TYR F 246 12.33 26.37 -13.42
CA TYR F 246 12.16 27.77 -13.06
C TYR F 246 10.96 28.40 -13.75
N ASP F 247 10.16 27.60 -14.44
CA ASP F 247 8.99 28.16 -15.12
C ASP F 247 8.07 28.74 -14.05
N LYS F 248 7.71 30.02 -14.22
CA LYS F 248 6.84 30.69 -13.24
C LYS F 248 5.71 29.76 -12.82
N ALA F 249 5.07 29.19 -13.84
CA ALA F 249 3.98 28.27 -13.62
C ALA F 249 4.29 27.32 -12.47
N ILE F 250 5.45 26.68 -12.53
CA ILE F 250 5.82 25.68 -11.53
C ILE F 250 6.86 25.93 -10.40
N ILE F 251 7.67 26.98 -10.49
CA ILE F 251 8.67 27.21 -9.44
C ILE F 251 8.16 27.10 -8.03
N ASN F 252 6.96 27.61 -7.80
CA ASN F 252 6.38 27.61 -6.47
C ASN F 252 5.46 26.47 -6.16
N ASP F 253 5.34 25.50 -7.05
CA ASP F 253 4.48 24.39 -6.73
C ASP F 253 5.28 23.21 -6.34
N LEU F 254 6.46 23.08 -6.92
CA LEU F 254 7.40 22.00 -6.60
C LEU F 254 7.74 21.94 -5.12
N PRO F 255 8.08 20.76 -4.60
CA PRO F 255 8.41 20.81 -3.16
C PRO F 255 9.74 21.57 -3.11
N ASP F 256 10.08 22.24 -2.01
CA ASP F 256 11.36 22.95 -2.04
C ASP F 256 12.55 21.99 -1.96
N LYS F 257 12.28 20.79 -1.45
CA LYS F 257 13.31 19.76 -1.36
C LYS F 257 12.77 18.47 -2.03
N ILE F 258 13.38 18.08 -3.14
CA ILE F 258 12.98 16.89 -3.89
C ILE F 258 14.04 15.78 -3.75
N GLU F 259 13.64 14.60 -3.28
CA GLU F 259 14.63 13.56 -3.09
C GLU F 259 14.50 12.26 -3.86
N THR F 260 15.43 11.98 -4.78
CA THR F 260 15.39 10.72 -5.52
C THR F 260 16.51 9.80 -5.06
N ASN F 261 16.38 8.50 -5.33
CA ASN F 261 17.40 7.52 -4.94
C ASN F 261 18.11 7.10 -6.20
N VAL F 262 19.41 7.36 -6.23
CA VAL F 262 20.25 6.99 -7.37
C VAL F 262 20.87 5.60 -7.13
N TYR F 263 20.48 4.63 -7.96
CA TYR F 263 20.96 3.26 -7.82
C TYR F 263 22.30 3.05 -8.50
N CYS F 264 23.22 2.48 -7.73
CA CYS F 264 24.60 2.27 -8.21
C CYS F 264 25.00 0.81 -8.21
N ASN F 265 25.75 0.43 -9.24
CA ASN F 265 26.24 -0.95 -9.36
C ASN F 265 27.70 -1.00 -8.94
N LEU F 266 28.12 -2.06 -8.26
CA LEU F 266 29.50 -2.22 -7.86
C LEU F 266 30.32 -2.66 -9.04
N THR F 267 31.58 -2.25 -9.06
CA THR F 267 32.50 -2.65 -10.09
C THR F 267 32.94 -4.08 -9.72
N PRO F 268 33.42 -4.88 -10.70
CA PRO F 268 33.85 -6.25 -10.38
C PRO F 268 34.85 -6.24 -9.23
N GLU F 269 35.73 -5.24 -9.22
CA GLU F 269 36.67 -5.16 -8.14
C GLU F 269 35.94 -5.00 -6.81
N GLN F 270 35.07 -4.01 -6.70
CA GLN F 270 34.40 -3.78 -5.45
C GLN F 270 33.65 -4.98 -5.02
N ALA F 271 32.99 -5.64 -5.96
CA ALA F 271 32.18 -6.82 -5.60
C ALA F 271 33.05 -7.95 -5.04
N ALA F 272 34.28 -8.06 -5.54
CA ALA F 272 35.18 -9.07 -5.03
C ALA F 272 35.43 -8.73 -3.58
N MSE F 273 35.95 -7.52 -3.35
CA MSE F 273 36.25 -7.04 -2.00
C MSE F 273 35.09 -7.22 -1.06
O MSE F 273 35.24 -7.76 0.03
CB MSE F 273 36.65 -5.58 -2.05
CG MSE F 273 37.78 -5.30 -2.99
SE MSE F 273 38.36 -3.48 -2.93
CE MSE F 273 39.71 -3.64 -1.55
N TYR F 274 33.92 -6.75 -1.49
CA TYR F 274 32.71 -6.86 -0.70
C TYR F 274 32.58 -8.34 -0.32
N LYS F 275 32.22 -9.17 -1.31
CA LYS F 275 32.07 -10.60 -1.10
C LYS F 275 33.16 -11.11 -0.19
N ALA F 276 34.39 -10.67 -0.45
CA ALA F 276 35.54 -11.07 0.36
C ALA F 276 35.35 -10.73 1.84
N GLU F 277 34.99 -9.49 2.16
CA GLU F 277 34.80 -9.11 3.55
C GLU F 277 33.61 -9.83 4.22
N VAL F 278 32.49 -9.89 3.51
CA VAL F 278 31.29 -10.54 4.03
C VAL F 278 31.63 -11.97 4.43
N GLU F 279 31.93 -12.77 3.42
CA GLU F 279 32.33 -14.16 3.60
C GLU F 279 33.70 -14.08 4.23
N ASN F 280 33.72 -13.82 5.53
CA ASN F 280 34.95 -13.67 6.29
C ASN F 280 34.48 -13.38 7.69
N LEU F 281 33.47 -12.53 7.80
CA LEU F 281 32.91 -12.19 9.09
C LEU F 281 32.15 -13.42 9.53
N PHE F 282 31.56 -14.12 8.56
CA PHE F 282 30.80 -15.32 8.87
C PHE F 282 31.72 -16.55 8.89
N ASN F 283 32.96 -16.33 9.30
CA ASN F 283 33.94 -17.40 9.42
C ASN F 283 34.59 -17.23 10.79
N ASN F 284 34.29 -16.11 11.44
CA ASN F 284 34.83 -15.80 12.75
C ASN F 284 33.71 -15.44 13.70
N ILE F 285 32.64 -14.88 13.14
CA ILE F 285 31.49 -14.47 13.95
C ILE F 285 31.07 -15.65 14.85
N ASP F 286 31.11 -16.86 14.29
CA ASP F 286 30.74 -18.03 15.06
C ASP F 286 31.65 -18.25 16.26
N SER F 287 32.93 -18.01 16.09
CA SER F 287 33.89 -18.18 17.16
C SER F 287 33.51 -17.31 18.34
N VAL F 288 33.48 -16.00 18.14
CA VAL F 288 33.19 -15.08 19.25
C VAL F 288 31.75 -14.66 19.52
N THR F 289 31.62 -13.81 20.53
CA THR F 289 30.34 -13.28 20.98
C THR F 289 30.54 -12.15 22.01
N GLY F 290 29.42 -11.58 22.46
CA GLY F 290 29.49 -10.50 23.43
C GLY F 290 30.07 -9.23 22.84
N ILE F 291 30.91 -8.56 23.62
CA ILE F 291 31.56 -7.31 23.20
C ILE F 291 32.30 -7.38 21.89
N LYS F 292 33.08 -8.45 21.71
CA LYS F 292 33.88 -8.65 20.52
C LYS F 292 33.05 -8.99 19.29
N ARG F 293 31.86 -9.56 19.49
CA ARG F 293 31.00 -9.89 18.35
C ARG F 293 30.52 -8.57 17.75
N LYS F 294 30.11 -7.65 18.61
CA LYS F 294 29.66 -6.33 18.17
C LYS F 294 30.78 -5.57 17.42
N GLY F 295 31.96 -5.48 18.04
CA GLY F 295 33.08 -4.79 17.43
C GLY F 295 33.48 -5.39 16.10
N MSE F 296 33.56 -6.71 16.04
CA MSE F 296 33.90 -7.43 14.82
C MSE F 296 32.95 -7.01 13.70
O MSE F 296 33.39 -6.61 12.62
CB MSE F 296 33.79 -8.94 15.08
CG MSE F 296 34.06 -9.84 13.88
SE MSE F 296 34.45 -11.71 14.31
CE MSE F 296 36.43 -11.55 14.41
N ILE F 297 31.65 -7.09 13.97
CA ILE F 297 30.65 -6.73 12.97
C ILE F 297 30.69 -5.27 12.62
N LEU F 298 31.31 -4.47 13.49
CA LEU F 298 31.41 -3.02 13.26
C LEU F 298 32.48 -2.61 12.23
N SER F 299 33.67 -3.16 12.40
CA SER F 299 34.74 -2.86 11.46
C SER F 299 34.41 -3.51 10.11
N THR F 300 33.90 -4.74 10.15
CA THR F 300 33.56 -5.40 8.91
C THR F 300 32.42 -4.61 8.23
N LEU F 301 31.63 -3.92 9.03
CA LEU F 301 30.55 -3.09 8.48
C LEU F 301 31.27 -1.86 7.92
N LEU F 302 32.22 -1.34 8.68
CA LEU F 302 32.99 -0.18 8.26
C LEU F 302 33.80 -0.44 6.98
N LYS F 303 34.46 -1.58 6.92
CA LYS F 303 35.20 -1.86 5.72
C LYS F 303 34.23 -1.87 4.54
N LEU F 304 33.07 -2.52 4.72
CA LEU F 304 32.09 -2.56 3.64
C LEU F 304 31.70 -1.15 3.16
N LYS F 305 31.30 -0.29 4.10
CA LYS F 305 30.92 1.06 3.73
C LYS F 305 32.00 1.83 2.98
N GLN F 306 33.23 1.32 2.96
CA GLN F 306 34.29 2.01 2.23
C GLN F 306 34.46 1.37 0.86
N ILE F 307 34.31 0.05 0.81
CA ILE F 307 34.44 -0.64 -0.46
C ILE F 307 33.38 -0.17 -1.45
N VAL F 308 32.22 0.23 -0.95
CA VAL F 308 31.14 0.68 -1.83
C VAL F 308 31.42 2.10 -2.28
N ASP F 309 32.15 2.87 -1.46
CA ASP F 309 32.50 4.28 -1.76
C ASP F 309 33.56 4.38 -2.82
N HIS F 310 34.66 3.64 -2.65
CA HIS F 310 35.75 3.63 -3.64
C HIS F 310 36.82 2.73 -3.07
N PRO F 311 37.34 1.78 -3.88
CA PRO F 311 38.38 0.81 -3.51
C PRO F 311 39.71 1.38 -3.05
N ALA F 312 40.08 2.56 -3.56
CA ALA F 312 41.33 3.19 -3.15
C ALA F 312 41.32 3.56 -1.65
N LEU F 313 40.17 3.59 -1.01
CA LEU F 313 40.11 3.94 0.41
C LEU F 313 40.82 2.89 1.23
N LEU F 314 40.83 1.65 0.76
CA LEU F 314 41.51 0.52 1.44
C LEU F 314 42.75 -0.04 0.70
N LYS F 315 42.79 0.13 -0.61
CA LYS F 315 43.88 -0.39 -1.40
C LYS F 315 44.80 0.71 -1.89
N GLY F 316 44.41 1.97 -1.74
CA GLY F 316 45.25 3.00 -2.29
C GLY F 316 45.27 2.80 -3.79
N GLY F 317 46.30 3.27 -4.46
CA GLY F 317 46.32 3.08 -5.89
C GLY F 317 45.48 4.15 -6.54
N GLU F 318 45.55 4.21 -7.86
CA GLU F 318 44.85 5.18 -8.72
C GLU F 318 43.40 5.47 -8.37
N GLN F 319 43.09 6.75 -8.10
CA GLN F 319 41.74 7.20 -7.71
C GLN F 319 40.92 7.55 -8.94
N SER F 320 40.55 6.53 -9.70
CA SER F 320 39.80 6.70 -10.93
C SER F 320 38.29 6.63 -10.72
N VAL F 321 37.55 7.19 -11.70
CA VAL F 321 36.07 7.14 -11.68
C VAL F 321 35.60 5.68 -11.94
N ARG F 322 36.36 5.01 -12.80
CA ARG F 322 36.03 3.67 -13.13
C ARG F 322 36.10 2.68 -11.99
N ARG F 323 36.95 2.92 -11.00
CA ARG F 323 37.02 1.95 -9.92
C ARG F 323 35.81 1.89 -9.03
N SER F 324 35.00 2.96 -9.03
CA SER F 324 33.79 3.04 -8.19
C SER F 324 32.46 3.26 -8.94
N GLY F 325 31.45 2.52 -8.49
CA GLY F 325 30.12 2.60 -9.05
C GLY F 325 29.48 3.94 -8.74
N LYS F 326 29.57 4.36 -7.48
CA LYS F 326 29.04 5.66 -7.04
C LYS F 326 29.66 6.81 -7.83
N MSE F 327 30.95 6.71 -8.11
CA MSE F 327 31.65 7.74 -8.85
C MSE F 327 31.14 7.82 -10.27
O MSE F 327 31.07 8.91 -10.85
CB MSE F 327 33.16 7.49 -8.84
CG MSE F 327 33.82 7.98 -7.52
SE MSE F 327 33.35 9.86 -7.08
CE MSE F 327 33.85 10.78 -8.75
N ILE F 328 30.79 6.66 -10.82
CA ILE F 328 30.25 6.63 -12.17
C ILE F 328 28.91 7.36 -12.17
N ARG F 329 27.99 7.02 -11.26
CA ARG F 329 26.71 7.72 -11.15
C ARG F 329 26.94 9.20 -10.78
N THR F 330 27.77 9.48 -9.78
CA THR F 330 28.03 10.88 -9.43
C THR F 330 28.40 11.69 -10.68
N MSE F 331 29.25 11.15 -11.55
CA MSE F 331 29.60 11.93 -12.72
C MSE F 331 28.43 12.18 -13.66
O MSE F 331 28.32 13.27 -14.19
CB MSE F 331 30.74 11.29 -13.51
CG MSE F 331 32.05 11.28 -12.75
SE MSE F 331 32.72 13.01 -12.08
CE MSE F 331 33.78 13.63 -13.57
N GLU F 332 27.56 11.20 -13.84
CA GLU F 332 26.40 11.35 -14.73
C GLU F 332 25.50 12.47 -14.22
N ILE F 333 25.26 12.47 -12.92
CA ILE F 333 24.45 13.50 -12.28
C ILE F 333 25.14 14.83 -12.47
N ILE F 334 26.38 14.98 -12.00
CA ILE F 334 27.09 16.27 -12.15
C ILE F 334 26.93 16.87 -13.56
N GLU F 335 26.92 16.00 -14.56
CA GLU F 335 26.74 16.39 -15.95
C GLU F 335 25.41 17.10 -16.23
N GLU F 336 24.31 16.54 -15.74
CA GLU F 336 22.97 17.11 -15.88
C GLU F 336 22.91 18.43 -15.10
N ALA F 337 23.05 18.32 -13.78
CA ALA F 337 23.02 19.47 -12.92
C ALA F 337 23.80 20.59 -13.57
N LEU F 338 25.02 20.32 -14.01
CA LEU F 338 25.78 21.39 -14.64
C LEU F 338 25.03 22.03 -15.79
N ASP F 339 24.19 21.23 -16.45
CA ASP F 339 23.41 21.71 -17.58
C ASP F 339 22.27 22.69 -17.23
N GLU F 340 22.44 23.40 -16.13
CA GLU F 340 21.52 24.43 -15.66
C GLU F 340 22.25 25.07 -14.48
N GLY F 341 23.44 25.59 -14.81
CA GLY F 341 24.31 26.24 -13.85
C GLY F 341 24.00 26.03 -12.38
N ASP F 342 23.73 24.78 -12.01
CA ASP F 342 23.41 24.44 -10.63
C ASP F 342 24.66 24.53 -9.75
N LYS F 343 24.45 24.55 -8.44
CA LYS F 343 25.51 24.59 -7.45
C LYS F 343 25.28 23.29 -6.70
N ILE F 344 26.22 22.36 -6.86
CA ILE F 344 26.11 21.04 -6.25
C ILE F 344 26.89 20.93 -4.97
N ALA F 345 26.38 20.17 -4.02
CA ALA F 345 27.05 19.98 -2.75
C ALA F 345 27.12 18.49 -2.39
N ILE F 346 28.32 17.91 -2.32
CA ILE F 346 28.43 16.50 -2.06
C ILE F 346 28.81 16.16 -0.62
N PHE F 347 28.00 15.37 0.04
CA PHE F 347 28.34 14.98 1.40
C PHE F 347 28.97 13.57 1.44
N THR F 348 29.83 13.33 2.42
CA THR F 348 30.45 12.02 2.59
C THR F 348 31.01 11.87 3.98
N GLN F 349 30.79 10.71 4.58
CA GLN F 349 31.24 10.42 5.94
C GLN F 349 32.73 10.13 6.08
N PHE F 350 33.45 9.97 4.98
CA PHE F 350 34.88 9.71 5.12
C PHE F 350 35.68 10.87 4.54
N VAL F 351 36.48 11.47 5.39
CA VAL F 351 37.27 12.58 4.93
C VAL F 351 38.04 12.12 3.72
N ASP F 352 38.64 10.95 3.83
CA ASP F 352 39.39 10.40 2.73
C ASP F 352 38.55 10.33 1.44
N MSE F 353 37.25 10.03 1.57
CA MSE F 353 36.41 10.00 0.40
C MSE F 353 36.25 11.43 -0.06
O MSE F 353 36.26 11.70 -1.25
CB MSE F 353 35.06 9.37 0.70
CG MSE F 353 34.26 9.11 -0.57
SE MSE F 353 35.12 7.87 -1.87
CE MSE F 353 35.45 9.04 -3.37
N GLY F 354 36.14 12.37 0.90
CA GLY F 354 36.03 13.76 0.55
C GLY F 354 37.16 14.21 -0.39
N LYS F 355 38.39 13.84 -0.06
CA LYS F 355 39.52 14.21 -0.93
C LYS F 355 39.48 13.56 -2.32
N ILE F 356 39.12 12.26 -2.39
CA ILE F 356 39.09 11.59 -3.68
C ILE F 356 38.06 12.22 -4.59
N ILE F 357 36.86 12.48 -4.06
CA ILE F 357 35.79 13.07 -4.85
C ILE F 357 36.24 14.41 -5.33
N ARG F 358 36.71 15.29 -4.45
CA ARG F 358 37.16 16.60 -4.92
C ARG F 358 38.22 16.44 -6.04
N ASN F 359 39.19 15.56 -5.82
CA ASN F 359 40.25 15.32 -6.81
C ASN F 359 39.70 14.90 -8.13
N ILE F 360 38.87 13.86 -8.17
CA ILE F 360 38.32 13.39 -9.46
C ILE F 360 37.57 14.51 -10.19
N ILE F 361 36.59 15.13 -9.52
CA ILE F 361 35.82 16.19 -10.13
C ILE F 361 36.73 17.27 -10.68
N GLU F 362 37.58 17.86 -9.84
CA GLU F 362 38.51 18.89 -10.31
C GLU F 362 39.24 18.50 -11.57
N LYS F 363 39.90 17.35 -11.57
CA LYS F 363 40.61 16.91 -12.76
C LYS F 363 39.75 16.69 -14.00
N GLU F 364 38.70 15.85 -13.88
CA GLU F 364 37.80 15.55 -15.00
C GLU F 364 37.08 16.72 -15.64
N LEU F 365 36.50 17.59 -14.81
CA LEU F 365 35.75 18.74 -15.30
C LEU F 365 36.65 19.97 -15.42
N ASN F 366 37.88 19.81 -14.92
CA ASN F 366 38.86 20.88 -14.99
C ASN F 366 38.28 22.18 -14.45
N THR F 367 37.69 22.10 -13.25
CA THR F 367 37.05 23.23 -12.59
C THR F 367 37.60 23.33 -11.18
N GLU F 368 37.23 24.37 -10.44
CA GLU F 368 37.71 24.53 -9.08
C GLU F 368 36.70 23.96 -8.09
N VAL F 369 37.17 23.16 -7.11
CA VAL F 369 36.28 22.51 -6.15
C VAL F 369 36.65 22.57 -4.66
N PRO F 370 36.14 23.56 -3.90
CA PRO F 370 36.49 23.64 -2.48
C PRO F 370 36.00 22.44 -1.71
N PHE F 371 36.69 22.10 -0.64
CA PHE F 371 36.36 20.94 0.17
C PHE F 371 36.42 21.37 1.61
N LEU F 372 35.36 21.08 2.34
CA LEU F 372 35.21 21.45 3.74
C LEU F 372 35.04 20.26 4.68
N TYR F 373 35.90 20.16 5.69
CA TYR F 373 35.80 19.10 6.70
C TYR F 373 36.13 19.67 8.08
N GLY F 374 36.05 18.83 9.10
CA GLY F 374 36.31 19.23 10.47
C GLY F 374 37.57 20.01 10.81
N GLU F 375 38.74 19.36 10.77
CA GLU F 375 40.03 19.99 11.09
C GLU F 375 40.18 21.46 10.72
N LEU F 376 39.73 21.84 9.53
CA LEU F 376 39.84 23.23 9.09
C LEU F 376 39.43 24.26 10.15
N SER F 377 40.16 25.37 10.18
CA SER F 377 39.87 26.45 11.11
C SER F 377 38.54 27.09 10.73
N LYS F 378 37.78 27.53 11.73
CA LYS F 378 36.49 28.20 11.51
C LYS F 378 36.67 29.31 10.48
N LYS F 379 37.86 29.88 10.46
CA LYS F 379 38.14 30.96 9.54
C LYS F 379 38.29 30.35 8.16
N GLU F 380 38.81 29.13 8.10
CA GLU F 380 39.02 28.44 6.81
C GLU F 380 37.69 28.04 6.24
N ARG F 381 36.87 27.40 7.07
CA ARG F 381 35.51 26.98 6.71
C ARG F 381 34.82 28.15 6.00
N ASP F 382 34.51 29.18 6.79
CA ASP F 382 33.84 30.38 6.31
C ASP F 382 34.48 31.04 5.09
N ASP F 383 35.73 30.70 4.80
CA ASP F 383 36.40 31.25 3.61
C ASP F 383 35.88 30.48 2.39
N ILE F 384 35.69 29.18 2.57
CA ILE F 384 35.20 28.31 1.51
C ILE F 384 33.75 28.60 1.17
N ILE F 385 32.89 28.62 2.19
CA ILE F 385 31.47 28.86 2.01
C ILE F 385 31.23 30.15 1.30
N SER F 386 32.23 31.04 1.33
CA SER F 386 32.10 32.31 0.64
C SER F 386 32.48 32.14 -0.83
N LYS F 387 33.40 31.22 -1.08
CA LYS F 387 33.82 30.96 -2.46
C LYS F 387 32.69 30.26 -3.18
N PHE F 388 31.98 29.40 -2.44
CA PHE F 388 30.88 28.63 -2.98
C PHE F 388 29.71 29.48 -3.45
N GLN F 389 29.21 30.35 -2.59
CA GLN F 389 28.07 31.17 -2.99
C GLN F 389 28.42 32.41 -3.79
N ASN F 390 29.65 32.90 -3.65
CA ASN F 390 30.01 34.10 -4.35
C ASN F 390 30.81 34.00 -5.64
N ASN F 391 31.63 32.97 -5.83
CA ASN F 391 32.33 32.89 -7.11
C ASN F 391 31.45 32.19 -8.17
N PRO F 392 31.07 32.93 -9.24
CA PRO F 392 30.23 32.39 -10.32
C PRO F 392 30.75 31.08 -10.87
N SER F 393 32.08 30.99 -10.98
CA SER F 393 32.75 29.80 -11.51
C SER F 393 32.74 28.59 -10.63
N VAL F 394 32.79 28.79 -9.30
CA VAL F 394 32.78 27.67 -8.36
C VAL F 394 31.41 27.01 -8.34
N LYS F 395 31.26 25.89 -9.04
CA LYS F 395 29.98 25.20 -9.11
C LYS F 395 29.79 24.02 -8.15
N PHE F 396 30.84 23.58 -7.47
CA PHE F 396 30.76 22.46 -6.53
C PHE F 396 31.28 22.77 -5.16
N ILE F 397 31.11 21.81 -4.27
CA ILE F 397 31.58 21.96 -2.92
C ILE F 397 31.38 20.56 -2.35
N VAL F 398 32.42 20.06 -1.68
CA VAL F 398 32.43 18.72 -1.09
C VAL F 398 32.55 18.89 0.41
N LEU F 399 31.75 18.16 1.17
CA LEU F 399 31.75 18.29 2.61
C LEU F 399 31.86 16.95 3.27
N SER F 400 32.71 16.88 4.29
CA SER F 400 32.93 15.68 5.05
C SER F 400 32.86 16.07 6.53
N VAL F 401 31.65 16.09 7.06
CA VAL F 401 31.45 16.47 8.43
C VAL F 401 30.27 15.68 8.94
N LYS F 402 30.12 15.60 10.27
CA LYS F 402 28.99 14.90 10.92
C LYS F 402 28.16 15.96 11.63
N ALA F 403 26.85 15.98 11.42
CA ALA F 403 26.01 16.98 12.09
C ALA F 403 25.88 16.58 13.54
N GLY F 405 26.48 19.36 13.47
CA GLY F 405 26.71 20.18 14.65
C GLY F 405 27.70 21.31 14.46
N PHE F 406 27.62 21.98 13.30
CA PHE F 406 28.50 23.11 12.99
C PHE F 406 27.65 24.12 12.23
N GLY F 407 28.25 25.20 11.77
CA GLY F 407 27.47 26.19 11.06
C GLY F 407 27.78 26.25 9.58
N ILE F 408 27.10 25.43 8.79
CA ILE F 408 27.34 25.50 7.36
C ILE F 408 26.16 26.21 6.71
N ASN F 409 26.45 27.15 5.83
CA ASN F 409 25.42 27.90 5.17
C ASN F 409 25.35 27.47 3.72
N LEU F 410 24.49 26.49 3.42
CA LEU F 410 24.42 26.05 2.04
C LEU F 410 23.25 26.56 1.18
N THR F 411 22.65 27.65 1.59
CA THR F 411 21.55 28.22 0.83
C THR F 411 21.79 28.39 -0.69
N SER F 412 23.02 28.30 -1.17
CA SER F 412 23.23 28.50 -2.59
C SER F 412 23.09 27.26 -3.44
N ALA F 413 23.07 26.14 -2.75
CA ALA F 413 22.96 24.84 -3.37
C ALA F 413 21.56 24.48 -3.86
N ASN F 414 21.40 24.21 -5.15
CA ASN F 414 20.08 23.79 -5.61
C ASN F 414 20.08 22.27 -5.76
N ARG F 415 21.27 21.71 -5.95
CA ARG F 415 21.46 20.26 -6.12
C ARG F 415 22.30 19.76 -4.97
N VAL F 416 21.94 18.61 -4.38
CA VAL F 416 22.74 18.05 -3.26
C VAL F 416 22.94 16.56 -3.45
N ILE F 417 24.12 16.04 -3.12
CA ILE F 417 24.39 14.61 -3.24
C ILE F 417 24.92 13.97 -1.97
N HIS F 418 24.27 12.93 -1.49
CA HIS F 418 24.76 12.23 -0.33
C HIS F 418 25.42 10.95 -0.89
N PHE F 419 26.74 11.02 -1.01
CA PHE F 419 27.56 9.94 -1.52
C PHE F 419 27.26 8.70 -0.71
N ASP F 420 27.40 8.80 0.61
CA ASP F 420 27.10 7.66 1.47
C ASP F 420 26.08 8.09 2.49
N ARG F 421 25.66 7.20 3.37
CA ARG F 421 24.67 7.55 4.36
C ARG F 421 25.36 8.07 5.63
N TRP F 422 25.80 9.33 5.55
CA TRP F 422 26.53 10.01 6.62
C TRP F 422 25.72 10.68 7.72
N TRP F 423 24.39 10.71 7.61
CA TRP F 423 23.58 11.38 8.63
C TRP F 423 22.96 10.45 9.68
N ASN F 424 23.01 10.90 10.92
CA ASN F 424 22.46 10.16 12.05
C ASN F 424 20.94 10.00 11.84
N PRO F 425 20.49 8.76 11.63
CA PRO F 425 19.07 8.47 11.41
C PRO F 425 18.19 9.09 12.48
N ASP F 429 15.69 14.30 9.96
CA ASP F 429 16.44 14.65 8.75
C ASP F 429 16.31 16.11 8.33
N GLN F 430 15.08 16.61 8.18
CA GLN F 430 14.89 18.01 7.80
C GLN F 430 15.47 18.86 8.91
N ALA F 431 15.74 18.22 10.06
CA ALA F 431 16.33 18.87 11.22
C ALA F 431 17.85 18.84 11.04
N THR F 432 18.28 18.06 10.04
CA THR F 432 19.70 17.92 9.69
C THR F 432 19.94 18.86 8.52
N ASP F 433 18.98 18.92 7.60
CA ASP F 433 19.08 19.80 6.45
C ASP F 433 19.06 21.24 6.93
N ARG F 434 18.30 21.51 8.00
CA ARG F 434 18.17 22.85 8.58
C ARG F 434 19.44 23.30 9.32
N VAL F 435 20.26 22.35 9.77
CA VAL F 435 21.53 22.70 10.46
C VAL F 435 22.35 23.45 9.43
N TYR F 436 22.20 23.01 8.18
CA TYR F 436 22.82 23.62 7.02
C TYR F 436 21.55 24.34 6.56
N ARG F 437 21.57 25.23 5.60
CA ARG F 437 20.29 25.86 5.31
C ARG F 437 19.78 25.38 3.98
N ILE F 438 19.65 24.06 3.86
CA ILE F 438 19.23 23.40 2.61
C ILE F 438 17.93 23.78 1.89
N GLY F 439 16.76 23.60 2.48
CA GLY F 439 15.61 24.01 1.70
C GLY F 439 15.66 25.52 1.47
N GLN F 440 15.70 26.19 2.61
CA GLN F 440 15.79 27.62 2.78
C GLN F 440 15.55 28.63 1.69
N THR F 441 16.45 28.76 0.72
CA THR F 441 16.30 29.83 -0.25
C THR F 441 15.97 29.54 -1.71
N ARG F 442 16.02 28.26 -2.09
CA ARG F 442 15.72 27.88 -3.47
C ARG F 442 15.44 26.43 -3.53
N ASN F 443 14.57 26.03 -4.45
CA ASN F 443 14.21 24.63 -4.60
C ASN F 443 15.50 23.79 -4.80
N VAL F 444 15.53 22.63 -4.18
CA VAL F 444 16.70 21.77 -4.24
C VAL F 444 16.38 20.30 -4.49
N ILE F 445 17.16 19.68 -5.36
CA ILE F 445 17.00 18.28 -5.66
C ILE F 445 18.09 17.55 -4.85
N VAL F 446 17.68 16.55 -4.08
CA VAL F 446 18.61 15.79 -3.28
C VAL F 446 18.74 14.35 -3.81
N HIS F 447 19.88 14.01 -4.40
CA HIS F 447 20.13 12.65 -4.86
C HIS F 447 20.73 11.79 -3.74
N LYS F 448 20.14 10.65 -3.44
CA LYS F 448 20.68 9.80 -2.41
C LYS F 448 21.25 8.54 -3.08
N LEU F 449 22.58 8.34 -3.05
CA LEU F 449 23.19 7.17 -3.67
C LEU F 449 23.10 5.86 -2.88
N ILE F 450 22.63 4.78 -3.52
CA ILE F 450 22.61 3.47 -2.86
C ILE F 450 23.09 2.36 -3.81
N SER F 451 24.08 1.61 -3.34
CA SER F 451 24.66 0.52 -4.11
C SER F 451 23.73 -0.66 -4.06
N VAL F 452 23.31 -1.10 -5.25
CA VAL F 452 22.38 -2.25 -5.38
C VAL F 452 22.92 -3.56 -4.82
N GLY F 453 22.15 -4.25 -4.00
CA GLY F 453 22.60 -5.52 -3.49
C GLY F 453 23.44 -5.45 -2.26
N THR F 454 24.01 -4.29 -1.98
CA THR F 454 24.89 -4.07 -0.81
C THR F 454 24.09 -3.93 0.49
N LEU F 455 24.73 -3.55 1.58
CA LEU F 455 23.96 -3.39 2.81
C LEU F 455 23.18 -2.07 2.73
N GLU F 456 23.55 -1.27 1.74
CA GLU F 456 22.97 0.04 1.49
C GLU F 456 21.53 0.04 1.06
N GLU F 457 21.18 -0.91 0.20
CA GLU F 457 19.80 -1.00 -0.26
C GLU F 457 19.00 -1.78 0.76
N LYS F 458 19.56 -2.87 1.28
CA LYS F 458 18.83 -3.68 2.26
C LYS F 458 18.54 -2.96 3.58
N ILE F 459 19.35 -1.97 3.94
CA ILE F 459 19.11 -1.24 5.17
C ILE F 459 17.96 -0.24 4.99
N ASP F 460 17.70 0.15 3.74
CA ASP F 460 16.57 1.03 3.49
C ASP F 460 15.34 0.12 3.63
N GLN F 461 15.44 -1.08 3.07
CA GLN F 461 14.37 -2.07 3.14
C GLN F 461 13.96 -2.29 4.61
N LEU F 462 14.54 -1.52 5.53
CA LEU F 462 14.21 -1.64 6.94
C LEU F 462 13.82 -0.30 7.53
N LEU F 463 14.35 0.77 6.94
CA LEU F 463 14.05 2.13 7.38
C LEU F 463 12.67 2.46 6.80
N ALA F 464 12.40 1.86 5.64
CA ALA F 464 11.13 2.02 4.94
C ALA F 464 10.22 0.88 5.39
N PHE F 465 10.82 -0.12 6.05
CA PHE F 465 10.07 -1.26 6.56
C PHE F 465 9.08 -0.77 7.58
N LYS F 466 9.45 0.30 8.27
CA LYS F 466 8.59 0.88 9.29
C LYS F 466 9.34 1.97 10.02
N ARG F 467 8.57 2.93 10.54
CA ARG F 467 9.11 4.02 11.32
C ARG F 467 8.19 4.24 12.52
N SER F 468 7.63 3.11 12.99
CA SER F 468 6.75 3.03 14.15
C SER F 468 7.36 2.05 15.13
N LEU F 469 8.08 1.06 14.57
CA LEU F 469 8.78 0.03 15.34
C LEU F 469 10.24 -0.05 14.88
N PHE F 470 10.50 0.58 13.73
CA PHE F 470 11.83 0.65 13.11
C PHE F 470 12.26 2.11 12.95
N LYS F 471 12.63 2.72 14.07
CA LYS F 471 13.04 4.13 14.08
C LYS F 471 13.59 4.56 15.45
N ASP F 472 13.15 3.89 16.52
CA ASP F 472 13.58 4.21 17.88
C ASP F 472 14.98 3.77 18.28
N ILE F 473 15.26 2.48 18.16
CA ILE F 473 16.57 1.95 18.51
C ILE F 473 17.56 2.17 17.37
N ILE F 474 17.05 2.51 16.18
CA ILE F 474 17.91 2.73 15.03
C ILE F 474 18.63 4.08 15.12
N SER F 475 18.11 4.93 15.98
CA SER F 475 18.70 6.25 16.21
C SER F 475 20.01 6.04 16.98
N SER F 476 20.08 4.88 17.64
CA SER F 476 21.24 4.49 18.42
C SER F 476 22.37 4.10 17.46
N GLY F 477 22.68 4.99 16.53
CA GLY F 477 23.71 4.72 15.56
C GLY F 477 23.35 3.51 14.73
N ASP F 478 24.32 2.62 14.55
CA ASP F 478 24.12 1.37 13.78
C ASP F 478 24.28 0.18 14.74
N SER F 479 24.49 0.49 16.02
CA SER F 479 24.63 -0.55 17.01
C SER F 479 23.50 -1.57 16.90
N TRP F 480 22.32 -1.12 16.48
CA TRP F 480 21.18 -2.01 16.38
C TRP F 480 21.43 -3.21 15.47
N ILE F 481 22.35 -3.04 14.52
CA ILE F 481 22.69 -4.09 13.57
C ILE F 481 23.60 -5.12 14.21
N THR F 482 24.40 -4.68 15.17
CA THR F 482 25.34 -5.57 15.86
C THR F 482 24.64 -6.58 16.79
N GLU F 483 23.33 -6.46 16.91
CA GLU F 483 22.55 -7.31 17.79
C GLU F 483 21.63 -8.21 16.99
N LEU F 484 21.42 -7.85 15.74
CA LEU F 484 20.54 -8.58 14.83
C LEU F 484 20.38 -10.06 15.06
N SER F 485 21.23 -10.84 14.40
CA SER F 485 21.21 -12.29 14.47
C SER F 485 21.99 -12.84 13.29
N THR F 486 23.03 -13.62 13.58
CA THR F 486 23.85 -14.20 12.54
C THR F 486 23.13 -14.58 11.25
N GLU F 487 21.92 -15.13 11.32
CA GLU F 487 21.23 -15.46 10.07
C GLU F 487 20.67 -14.21 9.39
N GLU F 488 20.00 -13.35 10.17
CA GLU F 488 19.42 -12.10 9.67
C GLU F 488 20.51 -11.12 9.20
N LEU F 489 21.62 -11.08 9.95
CA LEU F 489 22.73 -10.22 9.63
C LEU F 489 23.22 -10.59 8.25
N ARG F 490 23.25 -11.89 7.98
CA ARG F 490 23.69 -12.40 6.68
C ARG F 490 22.80 -11.91 5.53
N LYS F 491 21.48 -11.93 5.70
CA LYS F 491 20.61 -11.46 4.63
C LYS F 491 20.78 -9.96 4.41
N VAL F 492 21.06 -9.23 5.49
CA VAL F 492 21.22 -7.79 5.42
C VAL F 492 22.54 -7.28 4.84
N ILE F 493 23.67 -7.81 5.29
CA ILE F 493 24.96 -7.34 4.80
C ILE F 493 25.50 -8.05 3.57
N GLU F 494 25.16 -9.33 3.42
CA GLU F 494 25.63 -10.12 2.28
C GLU F 494 25.17 -9.57 0.94
N LEU F 495 26.05 -9.64 -0.03
CA LEU F 495 25.74 -9.12 -1.36
C LEU F 495 24.61 -9.86 -2.04
N SER F 496 23.58 -9.14 -2.43
CA SER F 496 22.43 -9.74 -3.11
C SER F 496 22.53 -9.59 -4.62
N VAL F 497 21.69 -10.34 -5.32
CA VAL F 497 21.67 -10.26 -6.78
C VAL F 497 20.51 -9.33 -7.25
#